data_5V49
#
_entry.id   5V49
#
_cell.length_a   87.190
_cell.length_b   106.200
_cell.length_c   207.520
_cell.angle_alpha   90.00
_cell.angle_beta   90.00
_cell.angle_gamma   90.00
#
_symmetry.space_group_name_H-M   'P 21 21 21'
#
loop_
_entity.id
_entity.type
_entity.pdbx_description
1 polymer 'Methionyl-tRNA synthetase, putative'
2 non-polymer METHIONINE
3 non-polymer N~1~-(5-chloro-1H-imidazo[4,5-b]pyridin-2-yl)-N~2~-[(4R)-6,8-dichloro-1,2,3,4-tetrahydroquinolin-4-yl]-N~1~-methylethane-1,2-diamine
4 non-polymer GLYCEROL
5 water water
#
_entity_poly.entity_id   1
_entity_poly.type   'polypeptide(L)'
_entity_poly.pdbx_seq_one_letter_code
;GPGSMKVEKVFFVTSPIYYVNAAPHIGHVYSTLITDVIGRYHRVKGERVFALTGTDEHGQKVAEAAKQKQVSPYDFTTAV
AGEFKKCFEQMDYSIDYFIRTTNEQHKAVVKELWTKLEQKGDIYLGRYEGWYSISDESFLTPQNITDGVDKDGNPCKVSL
ESGHVVTWVSEENYMFRLSAFRERLLEWYHANPGCIVPEFRRREVIRAVEKGLPDLSVSRARATLHNWAIPVPGNPDHCV
YVWLDALTNYLTGSRLRVDESGKEVSLVDDFNELERFPADVHVIGKDILKFHAIYWPAFLLSAGLPLPKKIVAHGWWTKD
RKKISKSLGNVFDPVEKAEEFGYDALKYFLLRESGFSDDGDYSDKNMIARLNGELADTLGNLVMRCTSAKINVNGEWPSP
AAYTEEDESLIQLIKDLPGTADHYYLIPDIQKAIIAVFDVLRAINAYVTDMAPWKLVKTDPERLRTVLYITLEGVRVTTL
LLSPILPRKSVVIFDMLGVPEVHRKGIENFEFGAVPPGTRLGPAVEGEVLFSKRSTENTKST
;
_entity_poly.pdbx_strand_id   A,B
#
# COMPACT_ATOMS: atom_id res chain seq x y z
N VAL A 7 -30.38 8.53 9.04
CA VAL A 7 -30.83 8.39 10.46
C VAL A 7 -29.65 8.46 11.45
N GLU A 8 -29.48 9.63 12.09
CA GLU A 8 -28.52 9.77 13.21
C GLU A 8 -29.10 9.02 14.42
N LYS A 9 -28.36 8.00 14.88
CA LYS A 9 -28.77 7.11 15.98
C LYS A 9 -27.56 6.74 16.84
N VAL A 10 -27.79 6.00 17.92
CA VAL A 10 -26.70 5.46 18.72
C VAL A 10 -26.15 4.22 17.99
N PHE A 11 -24.84 4.18 17.73
CA PHE A 11 -24.23 3.04 17.08
C PHE A 11 -24.26 1.86 18.04
N PHE A 12 -24.93 0.79 17.63
CA PHE A 12 -25.26 -0.33 18.52
C PHE A 12 -24.49 -1.56 18.05
N VAL A 13 -23.53 -2.00 18.87
CA VAL A 13 -22.67 -3.14 18.55
C VAL A 13 -22.77 -4.16 19.69
N THR A 14 -22.85 -5.44 19.32
CA THR A 14 -23.08 -6.52 20.29
C THR A 14 -22.08 -7.64 20.12
N SER A 15 -21.81 -8.36 21.20
CA SER A 15 -21.14 -9.65 21.15
C SER A 15 -22.23 -10.70 21.34
N PRO A 16 -21.90 -12.00 21.15
CA PRO A 16 -22.84 -12.99 21.59
C PRO A 16 -22.89 -12.97 23.11
N ILE A 17 -23.96 -13.50 23.66
CA ILE A 17 -24.04 -13.77 25.10
C ILE A 17 -23.62 -15.21 25.31
N TYR A 18 -22.68 -15.42 26.23
CA TYR A 18 -21.95 -16.70 26.31
C TYR A 18 -22.62 -17.64 27.30
N TYR A 19 -22.63 -18.93 26.96
CA TYR A 19 -23.18 -19.94 27.86
C TYR A 19 -22.31 -20.03 29.07
N VAL A 20 -22.96 -20.10 30.23
CA VAL A 20 -22.25 -20.16 31.50
C VAL A 20 -21.97 -21.58 32.02
N ASN A 21 -21.94 -22.57 31.15
CA ASN A 21 -21.57 -23.93 31.58
C ASN A 21 -20.12 -24.11 32.01
N ALA A 22 -19.27 -23.21 31.54
CA ALA A 22 -17.86 -23.28 31.82
C ALA A 22 -17.32 -21.87 31.92
N ALA A 23 -16.06 -21.85 32.32
CA ALA A 23 -15.35 -20.65 32.62
C ALA A 23 -14.99 -19.86 31.35
N PRO A 24 -14.79 -18.53 31.49
CA PRO A 24 -14.33 -17.69 30.38
C PRO A 24 -13.02 -18.23 29.80
N HIS A 25 -12.94 -18.28 28.48
CA HIS A 25 -11.75 -18.69 27.77
C HIS A 25 -11.51 -17.72 26.60
N ILE A 26 -10.49 -18.00 25.81
CA ILE A 26 -10.07 -17.14 24.72
C ILE A 26 -11.16 -16.83 23.66
N GLY A 27 -11.93 -17.82 23.27
CA GLY A 27 -13.10 -17.64 22.40
C GLY A 27 -13.99 -16.47 22.79
N HIS A 28 -14.37 -16.43 24.05
CA HIS A 28 -15.29 -15.40 24.55
C HIS A 28 -14.61 -14.03 24.58
N VAL A 29 -13.37 -14.03 25.04
CA VAL A 29 -12.51 -12.87 25.08
C VAL A 29 -12.30 -12.28 23.66
N TYR A 30 -12.09 -13.16 22.67
CA TYR A 30 -11.90 -12.74 21.29
C TYR A 30 -13.15 -12.07 20.73
N SER A 31 -14.30 -12.74 20.86
CA SER A 31 -15.56 -12.18 20.36
C SER A 31 -15.85 -10.82 20.97
N THR A 32 -15.64 -10.70 22.28
CA THR A 32 -15.91 -9.46 22.98
C THR A 32 -14.89 -8.36 22.65
N LEU A 33 -13.64 -8.76 22.43
CA LEU A 33 -12.61 -7.83 21.91
C LEU A 33 -13.04 -7.17 20.58
N ILE A 34 -13.54 -7.97 19.65
CA ILE A 34 -13.99 -7.46 18.35
C ILE A 34 -15.11 -6.44 18.54
N THR A 35 -16.11 -6.82 19.33
CA THR A 35 -17.19 -5.91 19.73
C THR A 35 -16.65 -4.61 20.33
N ASP A 36 -15.68 -4.73 21.22
CA ASP A 36 -15.10 -3.58 21.89
C ASP A 36 -14.36 -2.65 20.93
N VAL A 37 -13.55 -3.21 20.04
CA VAL A 37 -12.77 -2.44 19.05
C VAL A 37 -13.70 -1.64 18.13
N ILE A 38 -14.75 -2.30 17.63
CA ILE A 38 -15.73 -1.63 16.80
C ILE A 38 -16.38 -0.49 17.57
N GLY A 39 -16.77 -0.74 18.82
CA GLY A 39 -17.34 0.32 19.64
C GLY A 39 -16.36 1.48 19.82
N ARG A 40 -15.12 1.17 20.18
CA ARG A 40 -14.10 2.20 20.36
C ARG A 40 -13.85 3.04 19.10
N TYR A 41 -13.78 2.39 17.93
CA TYR A 41 -13.57 3.14 16.69
C TYR A 41 -14.69 4.15 16.47
N HIS A 42 -15.93 3.74 16.69
CA HIS A 42 -17.05 4.67 16.49
C HIS A 42 -17.06 5.81 17.52
N ARG A 43 -16.60 5.54 18.74
CA ARG A 43 -16.42 6.62 19.74
C ARG A 43 -15.30 7.60 19.31
N VAL A 44 -14.17 7.07 18.84
CA VAL A 44 -13.06 7.89 18.31
C VAL A 44 -13.53 8.76 17.15
N LYS A 45 -14.46 8.22 16.37
CA LYS A 45 -15.05 8.94 15.25
C LYS A 45 -16.02 10.05 15.71
N GLY A 46 -16.38 10.04 17.00
CA GLY A 46 -17.24 11.05 17.60
C GLY A 46 -18.71 10.67 17.71
N GLU A 47 -19.05 9.40 17.43
CA GLU A 47 -20.46 8.95 17.44
C GLU A 47 -20.89 8.52 18.82
N ARG A 48 -22.21 8.54 19.07
CA ARG A 48 -22.75 7.87 20.26
C ARG A 48 -22.69 6.36 20.03
N VAL A 49 -22.27 5.63 21.05
CA VAL A 49 -22.07 4.20 20.97
C VAL A 49 -22.69 3.50 22.19
N PHE A 50 -23.29 2.35 21.93
CA PHE A 50 -23.71 1.40 22.98
C PHE A 50 -23.20 0.02 22.58
N ALA A 51 -22.23 -0.49 23.34
CA ALA A 51 -21.66 -1.80 23.11
C ALA A 51 -22.21 -2.76 24.16
N LEU A 52 -22.71 -3.90 23.72
CA LEU A 52 -23.37 -4.87 24.58
C LEU A 52 -22.63 -6.21 24.60
N THR A 53 -22.47 -6.79 25.78
CA THR A 53 -22.04 -8.17 25.95
C THR A 53 -22.81 -8.82 27.11
N GLY A 54 -22.56 -10.10 27.38
CA GLY A 54 -23.21 -10.76 28.51
C GLY A 54 -23.25 -12.28 28.49
N THR A 55 -24.18 -12.84 29.26
CA THR A 55 -24.26 -14.26 29.51
C THR A 55 -25.65 -14.84 29.25
N ASP A 56 -25.65 -16.07 28.72
CA ASP A 56 -26.80 -16.88 28.34
C ASP A 56 -26.94 -17.99 29.41
N GLU A 57 -27.94 -17.84 30.28
CA GLU A 57 -27.93 -18.54 31.56
C GLU A 57 -28.97 -19.67 31.72
N HIS A 58 -29.99 -19.73 30.86
CA HIS A 58 -31.02 -20.76 30.92
C HIS A 58 -30.67 -21.95 30.04
N GLY A 59 -31.51 -22.97 30.13
CA GLY A 59 -31.45 -24.10 29.22
C GLY A 59 -30.88 -25.35 29.82
N GLN A 60 -31.11 -26.45 29.07
CA GLN A 60 -30.76 -27.80 29.49
C GLN A 60 -29.29 -27.91 29.82
N LYS A 61 -28.45 -27.41 28.92
CA LYS A 61 -26.99 -27.45 29.02
C LYS A 61 -26.43 -26.75 30.27
N VAL A 62 -26.97 -25.59 30.62
CA VAL A 62 -26.54 -24.93 31.88
C VAL A 62 -27.02 -25.65 33.12
N ALA A 63 -28.28 -26.13 33.10
CA ALA A 63 -28.83 -26.86 34.27
C ALA A 63 -28.08 -28.17 34.49
N GLU A 64 -27.71 -28.87 33.41
CA GLU A 64 -26.91 -30.10 33.52
C GLU A 64 -25.47 -29.86 34.01
N ALA A 65 -24.84 -28.78 33.59
CA ALA A 65 -23.53 -28.39 34.14
C ALA A 65 -23.61 -28.04 35.63
N ALA A 66 -24.68 -27.36 36.04
CA ALA A 66 -24.95 -27.06 37.46
C ALA A 66 -25.14 -28.35 38.28
N LYS A 67 -25.93 -29.29 37.76
CA LYS A 67 -26.14 -30.61 38.35
C LYS A 67 -24.83 -31.39 38.56
N GLN A 68 -23.96 -31.40 37.55
CA GLN A 68 -22.63 -32.01 37.65
C GLN A 68 -21.81 -31.47 38.81
N LYS A 69 -21.83 -30.15 39.00
CA LYS A 69 -21.11 -29.50 40.12
C LYS A 69 -21.85 -29.59 41.46
N GLN A 70 -23.06 -30.15 41.47
CA GLN A 70 -23.88 -30.31 42.68
C GLN A 70 -24.19 -28.96 43.37
N VAL A 71 -24.54 -27.97 42.55
CA VAL A 71 -25.08 -26.68 43.04
C VAL A 71 -26.37 -26.36 42.28
N SER A 72 -27.17 -25.46 42.85
CA SER A 72 -28.41 -25.02 42.18
C SER A 72 -28.07 -24.20 40.94
N PRO A 73 -28.89 -24.27 39.89
CA PRO A 73 -28.66 -23.45 38.70
C PRO A 73 -28.50 -21.94 39.00
N TYR A 74 -29.32 -21.42 39.92
CA TYR A 74 -29.26 -20.00 40.36
C TYR A 74 -27.87 -19.60 40.87
N ASP A 75 -27.30 -20.43 41.73
CA ASP A 75 -25.97 -20.14 42.31
C ASP A 75 -24.87 -20.33 41.28
N PHE A 76 -25.01 -21.37 40.46
CA PHE A 76 -24.04 -21.70 39.43
C PHE A 76 -23.97 -20.57 38.39
N THR A 77 -25.12 -20.13 37.87
CA THR A 77 -25.12 -19.07 36.86
C THR A 77 -24.57 -17.76 37.42
N THR A 78 -24.93 -17.44 38.66
CA THR A 78 -24.43 -16.21 39.31
C THR A 78 -22.91 -16.23 39.49
N ALA A 79 -22.38 -17.38 39.88
CA ALA A 79 -20.93 -17.52 40.06
C ALA A 79 -20.18 -17.39 38.73
N VAL A 80 -20.65 -18.10 37.70
CA VAL A 80 -19.99 -18.09 36.41
C VAL A 80 -20.14 -16.73 35.73
N ALA A 81 -21.31 -16.08 35.82
CA ALA A 81 -21.47 -14.72 35.30
C ALA A 81 -20.45 -13.78 35.93
N GLY A 82 -20.26 -13.94 37.24
CA GLY A 82 -19.23 -13.20 37.99
C GLY A 82 -17.84 -13.38 37.42
N GLU A 83 -17.50 -14.61 37.05
CA GLU A 83 -16.21 -14.92 36.41
C GLU A 83 -16.05 -14.24 35.05
N PHE A 84 -17.10 -14.25 34.22
CA PHE A 84 -17.10 -13.51 32.94
C PHE A 84 -16.90 -12.01 33.16
N LYS A 85 -17.64 -11.44 34.12
CA LYS A 85 -17.52 -10.02 34.46
C LYS A 85 -16.12 -9.65 34.90
N LYS A 86 -15.54 -10.47 35.78
CA LYS A 86 -14.18 -10.23 36.25
C LYS A 86 -13.16 -10.29 35.10
N CYS A 87 -13.29 -11.32 34.26
CA CYS A 87 -12.45 -11.47 33.07
C CYS A 87 -12.50 -10.25 32.13
N PHE A 88 -13.69 -9.73 31.86
CA PHE A 88 -13.84 -8.56 30.98
C PHE A 88 -13.35 -7.24 31.58
N GLU A 89 -13.45 -7.11 32.91
CA GLU A 89 -12.85 -5.98 33.61
C GLU A 89 -11.32 -6.03 33.51
N GLN A 90 -10.75 -7.22 33.75
CA GLN A 90 -9.30 -7.41 33.64
C GLN A 90 -8.76 -7.19 32.22
N MET A 91 -9.53 -7.59 31.21
CA MET A 91 -9.15 -7.38 29.80
C MET A 91 -9.25 -5.93 29.36
N ASP A 92 -9.84 -5.05 30.18
CA ASP A 92 -9.81 -3.61 29.95
C ASP A 92 -10.61 -3.22 28.71
N TYR A 93 -11.81 -3.80 28.60
CA TYR A 93 -12.75 -3.44 27.55
C TYR A 93 -13.48 -2.16 27.95
N SER A 94 -14.21 -1.58 27.02
CA SER A 94 -15.07 -0.44 27.31
C SER A 94 -16.48 -0.77 26.80
N ILE A 95 -17.04 -1.83 27.37
CA ILE A 95 -18.40 -2.29 27.06
C ILE A 95 -19.37 -1.49 27.93
N ASP A 96 -20.45 -1.01 27.35
CA ASP A 96 -21.40 -0.17 28.07
C ASP A 96 -22.32 -0.96 29.01
N TYR A 97 -22.65 -2.21 28.69
CA TYR A 97 -23.52 -3.00 29.55
C TYR A 97 -23.28 -4.51 29.42
N PHE A 98 -23.41 -5.20 30.56
CA PHE A 98 -23.29 -6.64 30.68
C PHE A 98 -24.68 -7.23 31.03
N ILE A 99 -25.31 -7.87 30.06
CA ILE A 99 -26.66 -8.41 30.24
C ILE A 99 -26.61 -9.89 30.67
N ARG A 100 -27.54 -10.28 31.54
CA ARG A 100 -27.73 -11.66 31.98
C ARG A 100 -29.16 -12.06 31.64
N THR A 101 -29.37 -13.22 31.04
CA THR A 101 -30.72 -13.64 30.65
C THR A 101 -31.64 -14.00 31.84
N THR A 102 -31.06 -14.25 33.02
CA THR A 102 -31.83 -14.35 34.28
C THR A 102 -32.44 -13.01 34.75
N ASN A 103 -32.08 -11.90 34.11
CA ASN A 103 -32.58 -10.58 34.49
C ASN A 103 -34.09 -10.49 34.21
N GLU A 104 -34.80 -9.97 35.20
CA GLU A 104 -36.26 -9.91 35.20
C GLU A 104 -36.77 -8.99 34.08
N GLN A 105 -36.04 -7.93 33.75
CA GLN A 105 -36.39 -7.05 32.61
C GLN A 105 -36.22 -7.76 31.26
N HIS A 106 -35.14 -8.55 31.11
CA HIS A 106 -35.00 -9.44 29.94
C HIS A 106 -36.18 -10.42 29.79
N LYS A 107 -36.58 -11.06 30.88
CA LYS A 107 -37.72 -11.99 30.84
C LYS A 107 -39.00 -11.35 30.36
N ALA A 108 -39.25 -10.13 30.82
CA ALA A 108 -40.42 -9.36 30.39
C ALA A 108 -40.41 -9.12 28.89
N VAL A 109 -39.23 -8.79 28.36
CA VAL A 109 -39.07 -8.54 26.91
C VAL A 109 -39.31 -9.83 26.12
N VAL A 110 -38.78 -10.94 26.62
CA VAL A 110 -39.01 -12.24 25.97
C VAL A 110 -40.52 -12.55 25.92
N LYS A 111 -41.23 -12.32 27.02
CA LYS A 111 -42.69 -12.51 27.05
C LYS A 111 -43.44 -11.62 26.07
N GLU A 112 -43.09 -10.34 26.00
CA GLU A 112 -43.70 -9.41 25.03
C GLU A 112 -43.45 -9.88 23.61
N LEU A 113 -42.21 -10.27 23.31
CA LEU A 113 -41.87 -10.71 21.94
C LEU A 113 -42.62 -11.99 21.59
N TRP A 114 -42.64 -12.93 22.52
CA TRP A 114 -43.39 -14.18 22.32
C TRP A 114 -44.84 -13.90 21.97
N THR A 115 -45.46 -13.06 22.81
CA THR A 115 -46.88 -12.70 22.66
C THR A 115 -47.13 -12.01 21.34
N LYS A 116 -46.20 -11.16 20.92
CA LYS A 116 -46.31 -10.49 19.62
C LYS A 116 -46.30 -11.50 18.47
N LEU A 117 -45.37 -12.44 18.50
CA LEU A 117 -45.29 -13.47 17.46
C LEU A 117 -46.56 -14.33 17.43
N GLU A 118 -47.09 -14.62 18.63
CA GLU A 118 -48.30 -15.42 18.74
C GLU A 118 -49.51 -14.66 18.17
N GLN A 119 -49.66 -13.38 18.50
CA GLN A 119 -50.76 -12.54 17.96
C GLN A 119 -50.71 -12.41 16.43
N LYS A 120 -49.52 -12.45 15.84
CA LYS A 120 -49.37 -12.42 14.37
C LYS A 120 -49.74 -13.72 13.65
N GLY A 121 -50.00 -14.80 14.39
CA GLY A 121 -50.28 -16.11 13.79
C GLY A 121 -49.03 -16.93 13.46
N ASP A 122 -47.88 -16.52 13.99
CA ASP A 122 -46.61 -17.13 13.60
C ASP A 122 -46.12 -18.22 14.56
N ILE A 123 -46.79 -18.35 15.71
CA ILE A 123 -46.58 -19.49 16.62
C ILE A 123 -47.84 -20.43 16.72
N TYR A 124 -47.68 -21.72 16.42
CA TYR A 124 -48.74 -22.76 16.56
C TYR A 124 -48.23 -23.91 17.42
N LEU A 125 -49.16 -24.73 17.91
CA LEU A 125 -48.84 -25.91 18.69
C LEU A 125 -48.68 -27.07 17.74
N GLY A 126 -47.53 -27.73 17.83
CA GLY A 126 -47.17 -28.83 16.97
C GLY A 126 -46.22 -29.79 17.69
N ARG A 127 -45.42 -30.47 16.91
CA ARG A 127 -44.46 -31.49 17.37
C ARG A 127 -43.08 -31.36 16.72
N TYR A 128 -42.04 -31.52 17.51
CA TYR A 128 -40.73 -31.79 16.97
C TYR A 128 -40.38 -33.24 17.26
N GLU A 129 -40.11 -33.98 16.18
CA GLU A 129 -39.54 -35.33 16.24
C GLU A 129 -38.25 -35.33 15.43
N GLY A 130 -37.11 -35.32 16.11
CA GLY A 130 -35.83 -35.26 15.41
C GLY A 130 -34.64 -35.17 16.31
N TRP A 131 -33.48 -34.93 15.71
CA TRP A 131 -32.23 -34.87 16.47
C TRP A 131 -32.04 -33.49 17.07
N TYR A 132 -31.29 -33.45 18.18
CA TYR A 132 -31.02 -32.25 18.91
C TYR A 132 -29.64 -32.35 19.56
N SER A 133 -28.85 -31.28 19.47
CA SER A 133 -27.58 -31.18 20.20
C SER A 133 -27.75 -30.29 21.42
N ILE A 134 -27.69 -30.89 22.60
CA ILE A 134 -27.86 -30.15 23.86
C ILE A 134 -26.76 -29.10 24.03
N SER A 135 -25.55 -29.49 23.68
CA SER A 135 -24.38 -28.62 23.78
C SER A 135 -24.44 -27.40 22.88
N ASP A 136 -25.01 -27.55 21.69
CA ASP A 136 -25.22 -26.43 20.79
C ASP A 136 -26.60 -25.79 20.93
N GLU A 137 -27.49 -26.44 21.69
CA GLU A 137 -28.90 -26.02 21.86
C GLU A 137 -29.57 -25.89 20.48
N SER A 138 -29.32 -26.89 19.65
CA SER A 138 -29.55 -26.81 18.21
C SER A 138 -30.34 -28.00 17.67
N PHE A 139 -31.36 -27.72 16.87
CA PHE A 139 -32.09 -28.74 16.15
C PHE A 139 -31.33 -29.11 14.86
N LEU A 140 -31.27 -30.39 14.56
CA LEU A 140 -30.51 -30.91 13.43
C LEU A 140 -31.32 -31.91 12.64
N THR A 141 -31.22 -31.83 11.30
CA THR A 141 -31.83 -32.81 10.40
C THR A 141 -30.92 -34.07 10.36
N PRO A 142 -31.44 -35.22 9.86
CA PRO A 142 -30.58 -36.42 9.82
C PRO A 142 -29.29 -36.29 8.96
N GLN A 143 -29.30 -35.40 7.97
CA GLN A 143 -28.11 -35.10 7.14
C GLN A 143 -26.97 -34.38 7.90
N ASN A 144 -27.26 -33.80 9.07
CA ASN A 144 -26.24 -33.13 9.90
C ASN A 144 -25.74 -33.97 11.06
N ILE A 145 -26.04 -35.27 11.04
CA ILE A 145 -25.53 -36.17 12.06
C ILE A 145 -24.72 -37.31 11.41
N THR A 146 -23.83 -37.89 12.21
CA THR A 146 -23.04 -39.05 11.83
C THR A 146 -22.65 -39.83 13.08
N ASP A 147 -21.93 -40.94 12.88
CA ASP A 147 -21.49 -41.80 13.99
C ASP A 147 -20.26 -41.26 14.70
N GLY A 148 -20.18 -41.51 16.01
CA GLY A 148 -19.01 -41.10 16.82
C GLY A 148 -19.00 -41.72 18.21
N VAL A 149 -18.31 -41.11 19.14
CA VAL A 149 -18.28 -41.67 20.47
C VAL A 149 -18.54 -40.60 21.49
N ASP A 150 -19.07 -40.99 22.61
CA ASP A 150 -19.36 -40.04 23.66
C ASP A 150 -18.15 -39.82 24.54
N LYS A 151 -18.34 -39.17 25.69
CA LYS A 151 -17.21 -38.92 26.55
C LYS A 151 -16.57 -40.22 26.98
N ASP A 152 -17.37 -41.21 27.31
CA ASP A 152 -16.83 -42.49 27.71
C ASP A 152 -16.11 -43.26 26.63
N GLY A 153 -16.69 -43.28 25.45
CA GLY A 153 -16.24 -44.14 24.35
C GLY A 153 -17.25 -45.13 23.75
N ASN A 154 -18.48 -45.16 24.28
CA ASN A 154 -19.54 -46.04 23.72
C ASN A 154 -20.04 -45.48 22.38
N PRO A 155 -20.69 -46.32 21.52
CA PRO A 155 -21.08 -45.83 20.19
C PRO A 155 -22.34 -44.95 20.25
N CYS A 156 -22.32 -43.81 19.56
CA CYS A 156 -23.46 -42.87 19.56
C CYS A 156 -23.48 -42.03 18.30
N LYS A 157 -24.49 -41.18 18.20
CA LYS A 157 -24.58 -40.19 17.13
C LYS A 157 -23.99 -38.87 17.60
N VAL A 158 -23.35 -38.15 16.68
CA VAL A 158 -22.80 -36.82 16.94
C VAL A 158 -23.19 -35.84 15.83
N SER A 159 -23.05 -34.55 16.14
CA SER A 159 -23.29 -33.48 15.16
C SER A 159 -22.14 -33.38 14.14
N LEU A 160 -22.50 -33.18 12.86
CA LEU A 160 -21.51 -32.84 11.83
C LEU A 160 -20.92 -31.46 12.02
N GLU A 161 -21.75 -30.50 12.47
CA GLU A 161 -21.35 -29.11 12.84
C GLU A 161 -20.21 -29.08 13.87
N SER A 162 -20.44 -29.71 15.01
CA SER A 162 -19.59 -29.54 16.19
C SER A 162 -18.96 -30.79 16.80
N GLY A 163 -19.35 -31.98 16.34
CA GLY A 163 -18.88 -33.24 16.96
C GLY A 163 -19.47 -33.60 18.32
N HIS A 164 -20.40 -32.78 18.83
CA HIS A 164 -21.05 -33.06 20.14
C HIS A 164 -22.15 -34.11 20.00
N VAL A 165 -22.47 -34.73 21.13
CA VAL A 165 -23.45 -35.80 21.16
C VAL A 165 -24.85 -35.26 20.85
N VAL A 166 -25.58 -35.97 19.99
CA VAL A 166 -26.97 -35.64 19.67
C VAL A 166 -27.90 -36.71 20.25
N THR A 167 -29.14 -36.32 20.55
CA THR A 167 -30.17 -37.21 21.06
C THR A 167 -31.46 -36.99 20.29
N TRP A 168 -32.30 -38.02 20.24
CA TRP A 168 -33.59 -37.95 19.56
C TRP A 168 -34.62 -37.40 20.54
N VAL A 169 -35.33 -36.35 20.13
CA VAL A 169 -36.34 -35.69 20.93
C VAL A 169 -37.68 -35.94 20.24
N SER A 170 -38.69 -36.26 21.03
CA SER A 170 -40.07 -36.37 20.53
C SER A 170 -40.98 -35.69 21.54
N GLU A 171 -41.36 -34.46 21.24
CA GLU A 171 -42.15 -33.62 22.14
C GLU A 171 -43.16 -32.81 21.36
N GLU A 172 -44.34 -32.65 21.94
CA GLU A 172 -45.26 -31.61 21.51
C GLU A 172 -44.66 -30.25 21.93
N ASN A 173 -44.51 -29.33 20.96
CA ASN A 173 -43.76 -28.06 21.13
C ASN A 173 -44.54 -26.94 20.43
N TYR A 174 -44.50 -25.72 20.97
CA TYR A 174 -44.87 -24.53 20.18
C TYR A 174 -43.88 -24.41 19.03
N MET A 175 -44.39 -24.07 17.85
CA MET A 175 -43.62 -24.04 16.61
C MET A 175 -43.73 -22.66 15.98
N PHE A 176 -42.60 -22.07 15.61
CA PHE A 176 -42.58 -20.80 14.90
C PHE A 176 -42.61 -21.11 13.42
N ARG A 177 -43.43 -20.39 12.66
CA ARG A 177 -43.62 -20.66 11.23
C ARG A 177 -42.47 -20.13 10.36
N LEU A 178 -41.26 -20.62 10.59
CA LEU A 178 -40.07 -20.14 9.91
C LEU A 178 -40.14 -20.32 8.39
N SER A 179 -40.78 -21.41 7.95
CA SER A 179 -40.94 -21.72 6.51
C SER A 179 -41.65 -20.61 5.74
N ALA A 180 -42.54 -19.88 6.40
CA ALA A 180 -43.22 -18.74 5.79
C ALA A 180 -42.34 -17.51 5.53
N PHE A 181 -41.09 -17.51 6.02
CA PHE A 181 -40.18 -16.37 5.92
C PHE A 181 -39.02 -16.56 4.90
N ARG A 182 -38.99 -17.69 4.20
CA ARG A 182 -37.97 -17.97 3.19
C ARG A 182 -37.82 -16.87 2.13
N GLU A 183 -38.91 -16.51 1.45
CA GLU A 183 -38.85 -15.48 0.41
C GLU A 183 -38.42 -14.13 0.96
N ARG A 184 -38.97 -13.70 2.09
CA ARG A 184 -38.61 -12.42 2.68
C ARG A 184 -37.15 -12.37 3.15
N LEU A 185 -36.63 -13.48 3.66
CA LEU A 185 -35.22 -13.57 4.07
C LEU A 185 -34.33 -13.46 2.84
N LEU A 186 -34.66 -14.21 1.78
CA LEU A 186 -33.90 -14.11 0.53
C LEU A 186 -33.92 -12.69 -0.08
N GLU A 187 -35.08 -12.02 -0.07
CA GLU A 187 -35.16 -10.60 -0.47
C GLU A 187 -34.22 -9.72 0.38
N TRP A 188 -34.17 -9.99 1.68
CA TRP A 188 -33.34 -9.21 2.57
C TRP A 188 -31.85 -9.38 2.27
N TYR A 189 -31.40 -10.63 2.06
CA TYR A 189 -30.01 -10.91 1.71
C TYR A 189 -29.61 -10.24 0.39
N HIS A 190 -30.48 -10.32 -0.61
CA HIS A 190 -30.17 -9.79 -1.94
CA HIS A 190 -30.21 -9.77 -1.95
C HIS A 190 -30.20 -8.26 -1.97
N ALA A 191 -31.15 -7.64 -1.27
CA ALA A 191 -31.22 -6.18 -1.19
C ALA A 191 -30.08 -5.57 -0.36
N ASN A 192 -29.46 -6.35 0.52
CA ASN A 192 -28.44 -5.83 1.45
C ASN A 192 -27.24 -6.75 1.40
N PRO A 193 -26.48 -6.67 0.29
CA PRO A 193 -25.42 -7.66 0.06
C PRO A 193 -24.20 -7.55 0.97
N GLY A 194 -24.12 -6.52 1.81
CA GLY A 194 -23.13 -6.45 2.88
C GLY A 194 -23.67 -6.81 4.27
N CYS A 195 -24.89 -7.37 4.37
CA CYS A 195 -25.52 -7.61 5.65
C CYS A 195 -24.90 -8.78 6.42
N ILE A 196 -24.19 -9.68 5.73
CA ILE A 196 -23.46 -10.76 6.37
C ILE A 196 -22.04 -10.75 5.85
N VAL A 197 -21.07 -10.79 6.77
CA VAL A 197 -19.66 -10.69 6.47
C VAL A 197 -18.93 -11.81 7.21
N PRO A 198 -17.94 -12.47 6.61
CA PRO A 198 -17.46 -12.22 5.25
C PRO A 198 -18.35 -12.83 4.20
N GLU A 199 -18.08 -12.46 2.95
CA GLU A 199 -18.95 -12.76 1.83
C GLU A 199 -19.25 -14.26 1.63
N PHE A 200 -18.27 -15.13 1.84
CA PHE A 200 -18.52 -16.55 1.65
C PHE A 200 -19.49 -17.14 2.70
N ARG A 201 -19.54 -16.55 3.89
CA ARG A 201 -20.51 -16.96 4.90
C ARG A 201 -21.89 -16.49 4.53
N ARG A 202 -21.97 -15.32 3.90
CA ARG A 202 -23.20 -14.83 3.33
C ARG A 202 -23.74 -15.76 2.24
N ARG A 203 -22.87 -16.26 1.37
CA ARG A 203 -23.26 -17.21 0.33
C ARG A 203 -23.77 -18.52 0.95
N GLU A 204 -23.10 -19.02 1.99
CA GLU A 204 -23.56 -20.20 2.75
C GLU A 204 -24.99 -20.07 3.28
N VAL A 205 -25.30 -18.90 3.87
CA VAL A 205 -26.61 -18.64 4.42
C VAL A 205 -27.66 -18.66 3.32
N ILE A 206 -27.35 -18.01 2.20
CA ILE A 206 -28.28 -17.89 1.09
C ILE A 206 -28.59 -19.27 0.50
N ARG A 207 -27.55 -20.07 0.29
CA ARG A 207 -27.74 -21.43 -0.24
C ARG A 207 -28.64 -22.24 0.70
N ALA A 208 -28.40 -22.14 2.02
CA ALA A 208 -29.18 -22.89 3.00
C ALA A 208 -30.65 -22.50 2.97
N VAL A 209 -30.93 -21.20 2.85
CA VAL A 209 -32.32 -20.72 2.83
C VAL A 209 -32.98 -21.07 1.49
N GLU A 210 -32.23 -21.00 0.39
CA GLU A 210 -32.75 -21.44 -0.93
C GLU A 210 -33.21 -22.90 -0.92
N LYS A 211 -32.50 -23.80 -0.26
CA LYS A 211 -32.89 -25.21 -0.13
C LYS A 211 -34.29 -25.42 0.49
N GLY A 212 -34.66 -24.57 1.43
CA GLY A 212 -35.98 -24.60 2.08
C GLY A 212 -35.78 -24.51 3.57
N LEU A 213 -36.78 -23.97 4.27
CA LEU A 213 -36.71 -23.82 5.72
C LEU A 213 -37.85 -24.60 6.36
N PRO A 214 -37.52 -25.50 7.31
CA PRO A 214 -38.58 -26.07 8.15
C PRO A 214 -39.06 -25.05 9.21
N ASP A 215 -40.21 -25.32 9.81
CA ASP A 215 -40.65 -24.60 10.98
C ASP A 215 -39.74 -24.96 12.15
N LEU A 216 -39.72 -24.09 13.15
CA LEU A 216 -38.77 -24.17 14.22
C LEU A 216 -39.52 -24.28 15.55
N SER A 217 -39.09 -25.25 16.33
CA SER A 217 -39.59 -25.43 17.66
C SER A 217 -39.04 -24.35 18.57
N VAL A 218 -39.94 -23.58 19.19
CA VAL A 218 -39.55 -22.49 20.08
C VAL A 218 -39.97 -22.70 21.52
N SER A 219 -40.50 -23.88 21.86
CA SER A 219 -40.69 -24.25 23.24
C SER A 219 -40.23 -25.67 23.47
N ARG A 220 -40.06 -25.99 24.74
CA ARG A 220 -39.78 -27.35 25.17
C ARG A 220 -40.62 -27.63 26.42
N ALA A 221 -40.94 -28.90 26.65
CA ALA A 221 -41.58 -29.32 27.92
C ALA A 221 -40.67 -28.97 29.08
N ARG A 222 -41.25 -28.47 30.17
CA ARG A 222 -40.46 -27.92 31.30
C ARG A 222 -39.53 -28.95 31.96
N ALA A 223 -39.96 -30.22 32.03
CA ALA A 223 -39.11 -31.25 32.62
C ALA A 223 -37.80 -31.45 31.85
N THR A 224 -37.84 -31.36 30.52
CA THR A 224 -36.61 -31.56 29.72
C THR A 224 -35.55 -30.51 30.09
N LEU A 225 -35.98 -29.28 30.34
CA LEU A 225 -35.05 -28.18 30.68
C LEU A 225 -34.74 -28.08 32.17
N HIS A 226 -35.14 -29.09 32.96
CA HIS A 226 -34.97 -29.09 34.41
C HIS A 226 -35.59 -27.79 35.04
N ASN A 227 -36.69 -27.33 34.43
CA ASN A 227 -37.39 -26.10 34.83
C ASN A 227 -36.53 -24.83 34.84
N TRP A 228 -35.42 -24.82 34.10
CA TRP A 228 -34.46 -23.72 34.16
C TRP A 228 -34.54 -22.91 32.86
N ALA A 229 -35.61 -22.13 32.77
CA ALA A 229 -35.99 -21.43 31.54
C ALA A 229 -37.18 -20.50 31.78
N ILE A 230 -37.45 -19.64 30.80
CA ILE A 230 -38.55 -18.69 30.91
C ILE A 230 -39.85 -19.42 30.53
N PRO A 231 -40.90 -19.37 31.38
CA PRO A 231 -42.14 -20.05 30.98
C PRO A 231 -42.83 -19.38 29.81
N VAL A 232 -43.50 -20.18 28.99
CA VAL A 232 -44.30 -19.66 27.90
C VAL A 232 -45.49 -18.90 28.48
N PRO A 233 -45.77 -17.68 27.99
CA PRO A 233 -46.97 -16.95 28.43
C PRO A 233 -48.27 -17.71 28.18
N GLY A 234 -49.03 -17.93 29.24
CA GLY A 234 -50.31 -18.64 29.17
C GLY A 234 -50.19 -20.15 29.05
N ASN A 235 -49.00 -20.72 29.23
CA ASN A 235 -48.83 -22.17 29.25
C ASN A 235 -47.60 -22.57 30.08
N PRO A 236 -47.80 -22.71 31.40
CA PRO A 236 -46.66 -23.03 32.28
C PRO A 236 -46.11 -24.47 32.18
N ASP A 237 -46.73 -25.34 31.37
CA ASP A 237 -46.12 -26.65 31.07
C ASP A 237 -44.96 -26.55 30.08
N HIS A 238 -44.84 -25.42 29.39
CA HIS A 238 -43.80 -25.19 28.41
C HIS A 238 -42.85 -24.04 28.80
N CYS A 239 -41.63 -24.14 28.29
CA CYS A 239 -40.60 -23.13 28.46
C CYS A 239 -40.12 -22.61 27.09
N VAL A 240 -39.70 -21.36 27.06
CA VAL A 240 -39.20 -20.73 25.85
C VAL A 240 -37.81 -21.30 25.52
N TYR A 241 -37.66 -21.74 24.26
CA TYR A 241 -36.39 -22.20 23.63
C TYR A 241 -35.30 -21.25 24.00
N VAL A 242 -34.23 -21.78 24.57
CA VAL A 242 -33.10 -20.96 24.99
C VAL A 242 -32.58 -19.98 23.92
N TRP A 243 -32.68 -20.30 22.63
CA TRP A 243 -32.24 -19.40 21.55
C TRP A 243 -33.14 -18.21 21.25
N LEU A 244 -34.45 -18.38 21.39
CA LEU A 244 -35.36 -17.22 21.24
C LEU A 244 -35.13 -16.25 22.41
N ASP A 245 -35.06 -16.84 23.60
CA ASP A 245 -34.62 -16.23 24.86
C ASP A 245 -33.29 -15.51 24.63
N ALA A 246 -32.30 -16.23 24.12
CA ALA A 246 -30.94 -15.70 23.99
C ALA A 246 -30.88 -14.57 22.95
N LEU A 247 -31.45 -14.77 21.77
CA LEU A 247 -31.39 -13.78 20.71
C LEU A 247 -32.05 -12.48 21.14
N THR A 248 -33.08 -12.60 21.97
CA THR A 248 -33.82 -11.46 22.45
C THR A 248 -32.99 -10.52 23.36
N ASN A 249 -31.84 -10.95 23.86
CA ASN A 249 -30.98 -10.08 24.66
C ASN A 249 -30.64 -8.77 23.95
N TYR A 250 -30.46 -8.83 22.63
CA TYR A 250 -30.14 -7.67 21.83
C TYR A 250 -31.28 -6.64 21.91
N LEU A 251 -32.53 -7.11 21.86
CA LEU A 251 -33.69 -6.23 22.01
C LEU A 251 -33.78 -5.67 23.43
N THR A 252 -33.64 -6.54 24.42
CA THR A 252 -33.64 -6.11 25.82
C THR A 252 -32.57 -5.04 26.06
N GLY A 253 -31.34 -5.32 25.67
CA GLY A 253 -30.22 -4.40 25.81
C GLY A 253 -30.48 -3.04 25.19
N SER A 254 -31.17 -3.03 24.05
CA SER A 254 -31.51 -1.79 23.35
C SER A 254 -32.53 -0.92 24.07
N ARG A 255 -33.18 -1.48 25.09
CA ARG A 255 -34.27 -0.84 25.84
C ARG A 255 -33.94 -0.58 27.34
N LEU A 256 -32.69 -0.83 27.75
CA LEU A 256 -32.29 -0.60 29.13
C LEU A 256 -31.55 0.73 29.31
N ARG A 257 -32.10 1.61 30.16
CA ARG A 257 -31.36 2.78 30.70
C ARG A 257 -30.38 2.28 31.75
N VAL A 258 -29.13 2.69 31.63
CA VAL A 258 -28.04 2.16 32.43
C VAL A 258 -27.39 3.32 33.19
N ASP A 259 -27.16 3.16 34.50
CA ASP A 259 -26.53 4.22 35.33
C ASP A 259 -25.00 4.26 35.16
N GLU A 260 -24.34 5.25 35.78
CA GLU A 260 -22.88 5.45 35.64
C GLU A 260 -22.03 4.26 36.11
N SER A 261 -22.54 3.44 37.03
CA SER A 261 -21.84 2.20 37.47
C SER A 261 -22.18 0.91 36.69
N GLY A 262 -23.04 0.99 35.67
CA GLY A 262 -23.36 -0.15 34.79
C GLY A 262 -24.53 -1.05 35.18
N LYS A 263 -25.29 -0.68 36.22
CA LYS A 263 -26.52 -1.40 36.59
C LYS A 263 -27.68 -0.87 35.75
N GLU A 264 -28.51 -1.76 35.22
CA GLU A 264 -29.75 -1.35 34.55
C GLU A 264 -30.70 -0.75 35.59
N VAL A 265 -31.29 0.41 35.29
CA VAL A 265 -32.21 1.06 36.24
C VAL A 265 -33.66 1.10 35.75
N SER A 266 -33.89 0.77 34.48
CA SER A 266 -35.20 0.97 33.89
C SER A 266 -35.27 0.31 32.50
N LEU A 267 -36.42 -0.29 32.20
CA LEU A 267 -36.71 -0.84 30.89
C LEU A 267 -37.73 0.07 30.23
N VAL A 268 -37.42 0.64 29.07
CA VAL A 268 -38.37 1.47 28.34
C VAL A 268 -39.31 0.62 27.48
N ASP A 269 -40.50 1.14 27.22
CA ASP A 269 -41.54 0.45 26.44
C ASP A 269 -41.20 0.38 24.97
N ASP A 270 -40.76 1.51 24.42
CA ASP A 270 -40.49 1.67 22.99
C ASP A 270 -38.98 1.76 22.78
N PHE A 271 -38.43 0.84 21.98
CA PHE A 271 -37.00 0.87 21.63
C PHE A 271 -36.51 2.18 20.98
N ASN A 272 -37.36 2.85 20.21
CA ASN A 272 -37.00 4.12 19.57
C ASN A 272 -36.58 5.21 20.56
N GLU A 273 -37.07 5.14 21.78
CA GLU A 273 -36.72 6.09 22.84
C GLU A 273 -35.20 6.17 23.12
N LEU A 274 -34.49 5.04 23.04
CA LEU A 274 -33.04 5.04 23.26
C LEU A 274 -32.19 4.99 21.99
N GLU A 275 -32.83 4.86 20.83
CA GLU A 275 -32.17 5.00 19.51
C GLU A 275 -31.04 3.99 19.21
N ARG A 276 -31.07 2.84 19.86
CA ARG A 276 -30.08 1.77 19.64
C ARG A 276 -30.56 0.71 18.65
N PHE A 277 -31.77 0.19 18.86
CA PHE A 277 -32.28 -0.92 18.01
C PHE A 277 -32.55 -0.42 16.59
N PRO A 278 -32.21 -1.18 15.53
CA PRO A 278 -31.56 -2.48 15.57
C PRO A 278 -30.04 -2.34 15.55
N ALA A 279 -29.35 -3.44 15.81
CA ALA A 279 -27.91 -3.43 15.88
C ALA A 279 -27.31 -3.04 14.55
N ASP A 280 -26.29 -2.21 14.63
CA ASP A 280 -25.46 -1.88 13.47
C ASP A 280 -24.52 -3.03 13.14
N VAL A 281 -23.93 -3.64 14.17
CA VAL A 281 -23.08 -4.83 14.01
C VAL A 281 -23.39 -5.86 15.11
N HIS A 282 -23.78 -7.06 14.70
CA HIS A 282 -23.75 -8.23 15.58
C HIS A 282 -22.45 -8.98 15.33
N VAL A 283 -21.58 -9.07 16.33
CA VAL A 283 -20.34 -9.87 16.24
C VAL A 283 -20.69 -11.27 16.73
N ILE A 284 -20.35 -12.28 15.94
CA ILE A 284 -20.59 -13.69 16.32
C ILE A 284 -19.48 -14.60 15.81
N GLY A 285 -19.35 -15.74 16.44
CA GLY A 285 -18.57 -16.84 15.89
C GLY A 285 -19.36 -17.53 14.80
N LYS A 286 -18.64 -18.18 13.89
CA LYS A 286 -19.24 -18.91 12.75
C LYS A 286 -20.21 -20.05 13.13
N ASP A 287 -20.01 -20.64 14.30
CA ASP A 287 -20.93 -21.63 14.87
C ASP A 287 -22.39 -21.19 15.11
N ILE A 288 -22.67 -19.89 15.21
CA ILE A 288 -24.04 -19.43 15.49
C ILE A 288 -24.62 -18.57 14.40
N LEU A 289 -24.07 -18.73 13.20
CA LEU A 289 -24.48 -17.93 12.06
C LEU A 289 -25.95 -18.11 11.74
N LYS A 290 -26.40 -19.35 11.72
CA LYS A 290 -27.81 -19.63 11.32
C LYS A 290 -28.82 -19.02 12.25
N PHE A 291 -28.48 -19.02 13.54
CA PHE A 291 -29.36 -18.50 14.57
C PHE A 291 -29.52 -16.97 14.36
N HIS A 292 -28.42 -16.29 14.03
CA HIS A 292 -28.39 -14.85 13.81
C HIS A 292 -28.80 -14.36 12.42
N ALA A 293 -28.54 -15.15 11.39
CA ALA A 293 -28.82 -14.76 10.00
C ALA A 293 -30.11 -15.33 9.41
N ILE A 294 -30.71 -16.33 10.07
CA ILE A 294 -31.98 -16.94 9.65
C ILE A 294 -33.06 -16.76 10.72
N TYR A 295 -32.87 -17.31 11.91
CA TYR A 295 -33.94 -17.29 12.93
C TYR A 295 -34.26 -15.87 13.38
N TRP A 296 -33.23 -15.17 13.82
CA TRP A 296 -33.38 -13.84 14.38
C TRP A 296 -34.14 -12.89 13.44
N PRO A 297 -33.66 -12.76 12.18
CA PRO A 297 -34.40 -11.84 11.31
C PRO A 297 -35.83 -12.29 11.02
N ALA A 298 -36.05 -13.61 10.96
CA ALA A 298 -37.40 -14.15 10.82
C ALA A 298 -38.30 -13.74 12.00
N PHE A 299 -37.79 -13.84 13.22
CA PHE A 299 -38.54 -13.36 14.40
C PHE A 299 -38.84 -11.85 14.31
N LEU A 300 -37.86 -11.08 13.87
CA LEU A 300 -37.99 -9.64 13.77
C LEU A 300 -39.01 -9.27 12.68
N LEU A 301 -38.93 -9.97 11.54
CA LEU A 301 -39.92 -9.81 10.47
C LEU A 301 -41.33 -10.12 10.96
N SER A 302 -41.49 -11.24 11.67
CA SER A 302 -42.78 -11.59 12.26
C SER A 302 -43.30 -10.48 13.17
N ALA A 303 -42.46 -9.98 14.06
CA ALA A 303 -42.84 -8.93 15.00
C ALA A 303 -43.00 -7.52 14.39
N GLY A 304 -42.59 -7.31 13.15
CA GLY A 304 -42.56 -5.97 12.56
C GLY A 304 -41.48 -5.07 13.15
N LEU A 305 -40.35 -5.67 13.58
CA LEU A 305 -39.22 -4.93 14.13
C LEU A 305 -38.15 -4.79 13.05
N PRO A 306 -37.33 -3.73 13.14
CA PRO A 306 -36.31 -3.55 12.09
C PRO A 306 -35.18 -4.58 12.22
N LEU A 307 -34.54 -4.86 11.09
CA LEU A 307 -33.49 -5.88 10.99
C LEU A 307 -32.12 -5.27 11.23
N PRO A 308 -31.17 -6.05 11.74
CA PRO A 308 -29.82 -5.54 11.94
C PRO A 308 -29.16 -5.19 10.60
N LYS A 309 -28.17 -4.31 10.65
CA LYS A 309 -27.48 -3.87 9.43
C LYS A 309 -26.42 -4.86 9.00
N LYS A 310 -25.60 -5.33 9.94
CA LYS A 310 -24.51 -6.26 9.66
C LYS A 310 -24.41 -7.34 10.72
N ILE A 311 -24.16 -8.58 10.26
CA ILE A 311 -23.74 -9.68 11.11
C ILE A 311 -22.33 -10.03 10.64
N VAL A 312 -21.36 -9.95 11.54
CA VAL A 312 -19.99 -10.36 11.22
C VAL A 312 -19.65 -11.63 11.98
N ALA A 313 -19.29 -12.66 11.22
CA ALA A 313 -19.04 -13.99 11.76
C ALA A 313 -17.56 -14.29 11.59
N HIS A 314 -16.85 -14.42 12.71
CA HIS A 314 -15.40 -14.67 12.69
C HIS A 314 -15.08 -16.16 12.70
N GLY A 315 -13.79 -16.45 12.54
CA GLY A 315 -13.33 -17.76 12.14
C GLY A 315 -13.21 -18.71 13.31
N TRP A 316 -13.17 -18.16 14.52
CA TRP A 316 -13.06 -18.98 15.71
C TRP A 316 -14.41 -19.60 16.10
N TRP A 317 -14.35 -20.49 17.08
CA TRP A 317 -15.54 -20.98 17.76
C TRP A 317 -15.83 -20.07 18.95
N THR A 318 -17.10 -19.99 19.32
CA THR A 318 -17.59 -19.15 20.42
C THR A 318 -17.70 -19.97 21.73
N LYS A 319 -18.15 -21.23 21.64
CA LYS A 319 -18.67 -21.97 22.81
C LYS A 319 -17.58 -22.62 23.66
N ASN A 330 -3.56 -28.54 26.23
CA ASN A 330 -3.11 -27.33 25.53
C ASN A 330 -3.94 -26.09 25.92
N VAL A 331 -3.53 -25.40 26.98
CA VAL A 331 -4.25 -24.22 27.51
C VAL A 331 -3.77 -22.94 26.82
N PHE A 332 -4.70 -21.99 26.65
CA PHE A 332 -4.37 -20.62 26.23
C PHE A 332 -5.20 -19.63 27.06
N ASP A 333 -4.62 -19.15 28.16
CA ASP A 333 -5.28 -18.22 29.08
C ASP A 333 -4.95 -16.76 28.67
N PRO A 334 -5.96 -15.99 28.21
CA PRO A 334 -5.68 -14.63 27.71
C PRO A 334 -5.13 -13.69 28.76
N VAL A 335 -5.63 -13.78 29.99
CA VAL A 335 -5.15 -12.94 31.09
C VAL A 335 -3.70 -13.26 31.46
N GLU A 336 -3.34 -14.54 31.43
CA GLU A 336 -1.96 -14.97 31.69
C GLU A 336 -1.03 -14.38 30.62
N LYS A 337 -1.38 -14.57 29.34
CA LYS A 337 -0.56 -14.04 28.23
C LYS A 337 -0.46 -12.51 28.27
N ALA A 338 -1.55 -11.84 28.67
CA ALA A 338 -1.56 -10.37 28.77
C ALA A 338 -0.66 -9.86 29.90
N GLU A 339 -0.66 -10.55 31.03
CA GLU A 339 0.29 -10.25 32.13
C GLU A 339 1.75 -10.50 31.70
N GLU A 340 1.97 -11.48 30.82
CA GLU A 340 3.30 -11.83 30.31
C GLU A 340 3.78 -10.86 29.23
N PHE A 341 2.94 -10.62 28.21
CA PHE A 341 3.34 -9.85 27.02
C PHE A 341 2.76 -8.42 26.91
N GLY A 342 1.79 -8.07 27.75
CA GLY A 342 1.06 -6.79 27.67
C GLY A 342 -0.36 -6.96 27.17
N TYR A 343 -1.29 -6.15 27.68
CA TYR A 343 -2.72 -6.21 27.29
C TYR A 343 -2.95 -5.71 25.86
N ASP A 344 -2.51 -4.51 25.56
CA ASP A 344 -2.63 -3.96 24.21
C ASP A 344 -1.94 -4.84 23.17
N ALA A 345 -0.75 -5.35 23.50
CA ALA A 345 0.00 -6.22 22.61
C ALA A 345 -0.74 -7.52 22.28
N LEU A 346 -1.33 -8.14 23.30
CA LEU A 346 -2.13 -9.35 23.08
C LEU A 346 -3.34 -9.07 22.18
N LYS A 347 -4.04 -7.97 22.45
CA LYS A 347 -5.18 -7.55 21.64
C LYS A 347 -4.76 -7.30 20.20
N TYR A 348 -3.66 -6.58 20.03
CA TYR A 348 -3.07 -6.36 18.70
C TYR A 348 -2.82 -7.66 17.98
N PHE A 349 -2.19 -8.59 18.68
CA PHE A 349 -1.88 -9.89 18.10
C PHE A 349 -3.11 -10.68 17.68
N LEU A 350 -4.10 -10.77 18.56
CA LEU A 350 -5.32 -11.50 18.22
C LEU A 350 -6.02 -10.92 16.98
N LEU A 351 -6.00 -9.59 16.86
CA LEU A 351 -6.67 -8.92 15.76
C LEU A 351 -5.85 -8.91 14.48
N ARG A 352 -4.52 -8.91 14.60
CA ARG A 352 -3.63 -8.89 13.44
C ARG A 352 -3.40 -10.28 12.85
N GLU A 353 -3.35 -11.31 13.71
CA GLU A 353 -2.97 -12.65 13.26
C GLU A 353 -4.00 -13.33 12.36
N SER A 354 -5.28 -13.22 12.73
CA SER A 354 -6.36 -13.88 12.01
C SER A 354 -7.33 -12.90 11.37
N GLY A 355 -7.74 -13.22 10.15
CA GLY A 355 -8.92 -12.64 9.57
C GLY A 355 -10.02 -13.67 9.78
N PHE A 356 -10.87 -13.84 8.78
CA PHE A 356 -12.04 -14.70 8.88
C PHE A 356 -11.68 -16.15 8.47
N SER A 357 -10.80 -16.73 9.28
CA SER A 357 -10.42 -18.14 9.19
C SER A 357 -9.79 -18.60 10.53
N ASP A 358 -9.48 -19.90 10.59
CA ASP A 358 -8.75 -20.48 11.73
C ASP A 358 -7.25 -20.58 11.46
N ASP A 359 -6.86 -20.53 10.18
CA ASP A 359 -5.48 -20.88 9.78
C ASP A 359 -4.59 -19.68 10.06
N GLY A 360 -3.84 -19.79 11.16
CA GLY A 360 -3.22 -18.65 11.82
C GLY A 360 -2.46 -19.13 13.05
N ASP A 361 -1.27 -18.60 13.24
CA ASP A 361 -0.29 -19.17 14.17
C ASP A 361 -0.36 -18.37 15.48
N TYR A 362 -0.83 -19.01 16.56
CA TYR A 362 -1.00 -18.41 17.92
C TYR A 362 0.09 -18.74 18.95
N SER A 363 1.25 -19.16 18.48
CA SER A 363 2.34 -19.59 19.35
C SER A 363 3.05 -18.42 20.02
N ASP A 364 3.78 -18.71 21.09
CA ASP A 364 4.65 -17.72 21.74
C ASP A 364 5.69 -17.18 20.75
N LYS A 365 6.16 -18.03 19.83
CA LYS A 365 7.10 -17.62 18.80
C LYS A 365 6.56 -16.50 17.91
N ASN A 366 5.35 -16.68 17.36
CA ASN A 366 4.74 -15.68 16.48
C ASN A 366 4.31 -14.39 17.21
N MET A 367 3.78 -14.55 18.44
CA MET A 367 3.48 -13.42 19.34
C MET A 367 4.67 -12.51 19.54
N ILE A 368 5.82 -13.13 19.79
CA ILE A 368 7.07 -12.40 19.99
C ILE A 368 7.55 -11.76 18.70
N ALA A 369 7.44 -12.48 17.57
CA ALA A 369 7.83 -11.92 16.27
C ALA A 369 7.03 -10.64 15.95
N ARG A 370 5.72 -10.68 16.17
CA ARG A 370 4.86 -9.51 15.95
C ARG A 370 5.07 -8.40 16.99
N LEU A 371 5.22 -8.76 18.25
CA LEU A 371 5.57 -7.80 19.30
C LEU A 371 6.88 -7.06 18.97
N ASN A 372 7.93 -7.82 18.66
CA ASN A 372 9.26 -7.25 18.36
C ASN A 372 9.28 -6.53 17.03
N GLY A 373 8.79 -7.19 15.99
CA GLY A 373 8.88 -6.68 14.62
C GLY A 373 7.98 -5.49 14.33
N GLU A 374 6.73 -5.54 14.80
CA GLU A 374 5.74 -4.53 14.42
C GLU A 374 5.56 -3.51 15.54
N LEU A 375 5.28 -3.95 16.76
CA LEU A 375 5.04 -3.01 17.85
C LEU A 375 6.30 -2.30 18.34
N ALA A 376 7.38 -3.04 18.57
CA ALA A 376 8.62 -2.46 19.06
C ALA A 376 9.41 -1.77 17.94
N ASP A 377 9.72 -2.50 16.86
CA ASP A 377 10.64 -2.01 15.81
C ASP A 377 10.00 -1.04 14.84
N THR A 378 8.73 -1.25 14.50
CA THR A 378 8.07 -0.37 13.54
C THR A 378 7.47 0.81 14.28
N LEU A 379 6.54 0.56 15.20
CA LEU A 379 5.80 1.65 15.85
C LEU A 379 6.64 2.34 16.94
N GLY A 380 7.12 1.55 17.90
CA GLY A 380 7.80 2.08 19.09
C GLY A 380 9.10 2.81 18.80
N ASN A 381 9.93 2.18 17.99
CA ASN A 381 11.18 2.80 17.51
C ASN A 381 10.92 4.18 16.90
N LEU A 382 9.90 4.24 16.07
CA LEU A 382 9.51 5.47 15.40
C LEU A 382 9.01 6.55 16.35
N VAL A 383 8.30 6.14 17.41
CA VAL A 383 7.84 7.10 18.44
C VAL A 383 9.03 7.70 19.18
N MET A 384 10.01 6.85 19.53
CA MET A 384 11.21 7.31 20.23
C MET A 384 12.07 8.23 19.35
N ARG A 385 12.27 7.85 18.08
CA ARG A 385 13.03 8.68 17.11
C ARG A 385 12.55 10.12 17.05
N CYS A 386 11.25 10.31 16.85
CA CYS A 386 10.72 11.66 16.62
C CYS A 386 10.55 12.48 17.89
N THR A 387 10.68 11.84 19.06
CA THR A 387 10.60 12.54 20.35
C THR A 387 11.93 12.62 21.13
N SER A 388 12.99 11.97 20.64
CA SER A 388 14.28 11.97 21.36
C SER A 388 14.93 13.34 21.36
N ALA A 389 15.66 13.62 22.44
CA ALA A 389 16.39 14.90 22.60
C ALA A 389 17.49 15.10 21.55
N LYS A 390 18.11 14.00 21.11
CA LYS A 390 19.13 14.03 20.04
C LYS A 390 18.62 14.63 18.72
N ILE A 391 17.39 14.28 18.33
CA ILE A 391 16.81 14.67 17.03
C ILE A 391 15.84 15.86 17.16
N ASN A 392 14.93 15.76 18.11
CA ASN A 392 13.99 16.83 18.42
C ASN A 392 14.58 17.67 19.56
N VAL A 393 15.53 18.54 19.21
CA VAL A 393 16.34 19.25 20.22
C VAL A 393 15.52 20.26 21.03
N ASN A 394 14.53 20.91 20.41
CA ASN A 394 13.63 21.83 21.11
C ASN A 394 12.45 21.20 21.86
N GLY A 395 12.28 19.87 21.75
CA GLY A 395 11.13 19.18 22.37
C GLY A 395 9.80 19.79 21.98
N GLU A 396 9.59 19.99 20.68
CA GLU A 396 8.33 20.55 20.16
C GLU A 396 8.03 20.08 18.74
N TRP A 397 6.82 20.38 18.28
CA TRP A 397 6.43 20.23 16.89
C TRP A 397 6.99 21.43 16.10
N PRO A 398 7.96 21.18 15.19
CA PRO A 398 8.48 22.28 14.42
C PRO A 398 7.56 22.69 13.31
N SER A 399 7.86 23.86 12.76
CA SER A 399 7.16 24.42 11.63
C SER A 399 7.88 23.91 10.36
N PRO A 400 7.14 23.29 9.42
CA PRO A 400 7.85 22.77 8.23
C PRO A 400 8.26 23.87 7.24
N ALA A 401 9.41 23.70 6.61
CA ALA A 401 9.77 24.48 5.42
C ALA A 401 9.12 23.81 4.19
N ALA A 402 9.55 24.17 2.99
CA ALA A 402 8.89 23.67 1.77
C ALA A 402 9.07 22.15 1.60
N TYR A 403 8.06 21.54 1.02
CA TYR A 403 8.03 20.10 0.83
C TYR A 403 8.66 19.69 -0.51
N THR A 404 9.53 18.68 -0.46
CA THR A 404 10.01 17.99 -1.67
C THR A 404 8.95 17.01 -2.20
N GLU A 405 9.17 16.44 -3.38
CA GLU A 405 8.25 15.43 -3.90
C GLU A 405 8.19 14.18 -3.04
N GLU A 406 9.33 13.81 -2.48
CA GLU A 406 9.40 12.68 -1.58
C GLU A 406 8.59 12.95 -0.29
N ASP A 407 8.71 14.15 0.27
CA ASP A 407 7.85 14.60 1.37
C ASP A 407 6.38 14.46 1.01
N GLU A 408 6.00 14.96 -0.16
CA GLU A 408 4.61 14.92 -0.60
C GLU A 408 4.11 13.48 -0.76
N SER A 409 4.99 12.56 -1.20
CA SER A 409 4.57 11.17 -1.38
C SER A 409 4.17 10.55 -0.03
N LEU A 410 4.92 10.84 1.03
CA LEU A 410 4.58 10.35 2.36
C LEU A 410 3.33 11.05 2.92
N ILE A 411 3.26 12.36 2.75
CA ILE A 411 2.10 13.15 3.17
C ILE A 411 0.81 12.62 2.53
N GLN A 412 0.87 12.26 1.25
CA GLN A 412 -0.29 11.70 0.57
C GLN A 412 -0.74 10.37 1.18
N LEU A 413 0.22 9.53 1.58
CA LEU A 413 -0.13 8.29 2.26
C LEU A 413 -0.85 8.57 3.59
N ILE A 414 -0.35 9.55 4.32
CA ILE A 414 -0.90 9.91 5.62
C ILE A 414 -2.32 10.46 5.45
N LYS A 415 -2.53 11.28 4.42
CA LYS A 415 -3.84 11.88 4.16
C LYS A 415 -4.86 10.86 3.69
N ASP A 416 -4.43 9.88 2.90
CA ASP A 416 -5.33 8.85 2.40
C ASP A 416 -5.70 7.83 3.47
N LEU A 417 -4.86 7.66 4.48
CA LEU A 417 -5.01 6.58 5.43
C LEU A 417 -6.37 6.58 6.19
N PRO A 418 -6.83 7.75 6.69
CA PRO A 418 -8.11 7.70 7.43
C PRO A 418 -9.27 7.16 6.60
N GLY A 419 -9.37 7.55 5.33
CA GLY A 419 -10.44 7.06 4.47
C GLY A 419 -10.37 5.55 4.24
N THR A 420 -9.16 5.05 4.07
CA THR A 420 -8.89 3.63 3.83
C THR A 420 -9.19 2.80 5.07
N ALA A 421 -8.60 3.19 6.20
CA ALA A 421 -8.86 2.54 7.48
C ALA A 421 -10.34 2.57 7.87
N ASP A 422 -11.02 3.69 7.60
CA ASP A 422 -12.43 3.84 7.91
C ASP A 422 -13.24 2.81 7.18
N HIS A 423 -13.03 2.65 5.88
CA HIS A 423 -13.76 1.64 5.11
C HIS A 423 -13.55 0.25 5.68
N TYR A 424 -12.31 -0.07 6.05
CA TYR A 424 -12.01 -1.38 6.62
C TYR A 424 -12.72 -1.59 7.95
N TYR A 425 -12.69 -0.59 8.83
CA TYR A 425 -13.39 -0.68 10.12
C TYR A 425 -14.90 -0.87 9.94
N LEU A 426 -15.47 -0.31 8.89
CA LEU A 426 -16.92 -0.40 8.64
C LEU A 426 -17.38 -1.69 7.98
N ILE A 427 -16.47 -2.46 7.41
CA ILE A 427 -16.85 -3.74 6.77
C ILE A 427 -17.62 -4.70 7.70
N PRO A 428 -17.13 -5.00 8.91
CA PRO A 428 -15.83 -4.61 9.48
C PRO A 428 -14.74 -5.65 9.22
N ASP A 429 -13.51 -5.19 9.08
CA ASP A 429 -12.36 -6.06 8.84
C ASP A 429 -11.18 -5.39 9.54
N ILE A 430 -11.02 -5.76 10.79
CA ILE A 430 -10.07 -5.09 11.66
C ILE A 430 -8.63 -5.43 11.25
N GLN A 431 -8.41 -6.66 10.79
CA GLN A 431 -7.10 -7.07 10.31
C GLN A 431 -6.61 -6.15 9.19
N LYS A 432 -7.46 -5.88 8.21
CA LYS A 432 -7.07 -5.01 7.10
C LYS A 432 -6.86 -3.56 7.54
N ALA A 433 -7.63 -3.10 8.52
CA ALA A 433 -7.43 -1.76 9.06
C ALA A 433 -6.03 -1.63 9.68
N ILE A 434 -5.64 -2.65 10.45
CA ILE A 434 -4.34 -2.65 11.11
C ILE A 434 -3.23 -2.69 10.05
N ILE A 435 -3.37 -3.60 9.09
CA ILE A 435 -2.41 -3.74 8.01
C ILE A 435 -2.22 -2.42 7.27
N ALA A 436 -3.31 -1.73 6.94
CA ALA A 436 -3.20 -0.44 6.27
C ALA A 436 -2.45 0.60 7.12
N VAL A 437 -2.69 0.66 8.42
CA VAL A 437 -1.99 1.62 9.27
C VAL A 437 -0.49 1.29 9.30
N PHE A 438 -0.16 0.01 9.47
CA PHE A 438 1.24 -0.41 9.50
C PHE A 438 1.98 -0.27 8.16
N ASP A 439 1.27 -0.34 7.03
CA ASP A 439 1.89 -0.01 5.74
C ASP A 439 2.38 1.43 5.75
N VAL A 440 1.59 2.33 6.35
CA VAL A 440 1.98 3.73 6.46
C VAL A 440 3.12 3.90 7.46
N LEU A 441 3.08 3.17 8.56
CA LEU A 441 4.18 3.21 9.51
C LEU A 441 5.50 2.76 8.88
N ARG A 442 5.46 1.69 8.11
CA ARG A 442 6.66 1.23 7.37
C ARG A 442 7.16 2.28 6.41
N ALA A 443 6.26 2.91 5.66
CA ALA A 443 6.65 4.01 4.77
C ALA A 443 7.27 5.21 5.53
N ILE A 444 6.75 5.53 6.71
CA ILE A 444 7.32 6.61 7.52
C ILE A 444 8.73 6.22 7.94
N ASN A 445 8.91 4.98 8.38
CA ASN A 445 10.24 4.48 8.74
C ASN A 445 11.23 4.55 7.59
N ALA A 446 10.80 4.19 6.39
CA ALA A 446 11.66 4.25 5.20
C ALA A 446 12.06 5.69 4.90
N TYR A 447 11.09 6.60 4.99
CA TYR A 447 11.34 8.01 4.83
C TYR A 447 12.36 8.55 5.85
N VAL A 448 12.20 8.18 7.11
CA VAL A 448 13.15 8.60 8.15
C VAL A 448 14.56 8.08 7.85
N THR A 449 14.66 6.83 7.41
CA THR A 449 15.93 6.23 7.01
C THR A 449 16.58 6.97 5.82
N ASP A 450 15.79 7.27 4.79
CA ASP A 450 16.27 8.09 3.66
C ASP A 450 16.75 9.48 4.08
N MET A 451 16.01 10.13 5.00
CA MET A 451 16.31 11.52 5.34
C MET A 451 17.38 11.69 6.41
N ALA A 452 17.71 10.60 7.10
CA ALA A 452 18.70 10.60 8.18
C ALA A 452 18.65 11.86 9.06
N PRO A 453 17.52 12.09 9.76
CA PRO A 453 17.36 13.33 10.56
C PRO A 453 18.44 13.54 11.64
N TRP A 454 19.01 12.45 12.14
CA TRP A 454 20.18 12.51 13.05
C TRP A 454 21.39 13.26 12.47
N LYS A 455 21.68 13.08 11.18
CA LYS A 455 22.70 13.89 10.49
C LYS A 455 22.25 15.34 10.26
N LEU A 456 20.96 15.52 9.97
CA LEU A 456 20.41 16.84 9.66
C LEU A 456 20.43 17.83 10.81
N VAL A 457 20.58 17.38 12.06
CA VAL A 457 20.67 18.32 13.22
C VAL A 457 21.85 19.27 13.02
N LYS A 458 22.99 18.73 12.61
CA LYS A 458 24.19 19.53 12.35
C LYS A 458 24.14 20.20 10.97
N THR A 459 23.85 19.41 9.93
CA THR A 459 24.03 19.84 8.53
C THR A 459 22.98 20.80 7.97
N ASP A 460 21.71 20.62 8.33
CA ASP A 460 20.60 21.36 7.68
C ASP A 460 19.38 21.44 8.62
N PRO A 461 19.43 22.35 9.63
CA PRO A 461 18.30 22.51 10.56
C PRO A 461 16.96 22.86 9.91
N GLU A 462 16.99 23.69 8.85
CA GLU A 462 15.77 24.06 8.12
C GLU A 462 15.07 22.82 7.54
N ARG A 463 15.87 21.90 6.98
CA ARG A 463 15.36 20.67 6.40
C ARG A 463 14.80 19.71 7.47
N LEU A 464 15.51 19.60 8.60
CA LEU A 464 15.07 18.76 9.71
C LEU A 464 13.68 19.14 10.21
N ARG A 465 13.38 20.44 10.30
CA ARG A 465 12.05 20.90 10.68
C ARG A 465 10.94 20.25 9.83
N THR A 466 11.17 20.19 8.52
CA THR A 466 10.20 19.59 7.59
C THR A 466 10.07 18.08 7.84
N VAL A 467 11.21 17.40 7.96
CA VAL A 467 11.25 15.96 8.15
C VAL A 467 10.60 15.54 9.47
N LEU A 468 10.94 16.27 10.52
CA LEU A 468 10.46 15.99 11.86
C LEU A 468 8.97 16.25 11.95
N TYR A 469 8.51 17.35 11.36
CA TYR A 469 7.08 17.66 11.35
C TYR A 469 6.24 16.55 10.69
N ILE A 470 6.69 16.10 9.51
CA ILE A 470 6.00 15.06 8.78
C ILE A 470 6.00 13.76 9.57
N THR A 471 7.13 13.45 10.21
CA THR A 471 7.24 12.22 11.01
C THR A 471 6.28 12.25 12.21
N LEU A 472 6.29 13.36 12.96
CA LEU A 472 5.39 13.54 14.09
C LEU A 472 3.93 13.41 13.67
N GLU A 473 3.59 14.01 12.55
CA GLU A 473 2.22 14.02 12.11
C GLU A 473 1.76 12.64 11.60
N GLY A 474 2.67 11.89 10.96
CA GLY A 474 2.39 10.52 10.56
C GLY A 474 2.18 9.62 11.75
N VAL A 475 3.00 9.81 12.78
CA VAL A 475 2.87 9.04 14.02
C VAL A 475 1.52 9.35 14.71
N ARG A 476 1.13 10.62 14.72
CA ARG A 476 -0.15 11.01 15.32
C ARG A 476 -1.35 10.38 14.62
N VAL A 477 -1.40 10.51 13.30
CA VAL A 477 -2.52 10.00 12.52
C VAL A 477 -2.59 8.47 12.62
N THR A 478 -1.46 7.78 12.50
CA THR A 478 -1.43 6.33 12.62
C THR A 478 -1.87 5.88 14.02
N THR A 479 -1.39 6.57 15.04
CA THR A 479 -1.74 6.27 16.42
C THR A 479 -3.22 6.50 16.69
N LEU A 480 -3.79 7.58 16.16
CA LEU A 480 -5.23 7.83 16.27
C LEU A 480 -6.06 6.66 15.72
N LEU A 481 -5.68 6.18 14.53
CA LEU A 481 -6.41 5.08 13.90
C LEU A 481 -6.17 3.72 14.53
N LEU A 482 -5.06 3.58 15.27
CA LEU A 482 -4.77 2.40 16.07
C LEU A 482 -5.28 2.47 17.50
N SER A 483 -5.84 3.60 17.92
CA SER A 483 -6.27 3.76 19.31
C SER A 483 -7.40 2.79 19.74
N PRO A 484 -8.30 2.40 18.82
CA PRO A 484 -9.22 1.29 19.19
C PRO A 484 -8.55 -0.07 19.45
N ILE A 485 -7.37 -0.31 18.87
CA ILE A 485 -6.63 -1.55 18.99
C ILE A 485 -5.70 -1.51 20.21
N LEU A 486 -5.05 -0.36 20.41
CA LEU A 486 -4.02 -0.17 21.44
C LEU A 486 -4.47 1.02 22.31
N PRO A 487 -5.57 0.85 23.06
CA PRO A 487 -6.17 1.99 23.76
C PRO A 487 -5.30 2.65 24.83
N ARG A 488 -4.53 1.86 25.57
CA ARG A 488 -3.63 2.38 26.61
C ARG A 488 -2.33 2.95 26.02
N LYS A 489 -1.70 2.18 25.13
CA LYS A 489 -0.48 2.63 24.46
C LYS A 489 -0.67 3.88 23.61
N SER A 490 -1.84 4.04 23.02
CA SER A 490 -2.14 5.25 22.25
C SER A 490 -2.11 6.49 23.13
N VAL A 491 -2.58 6.34 24.38
CA VAL A 491 -2.55 7.44 25.36
C VAL A 491 -1.10 7.81 25.72
N VAL A 492 -0.26 6.80 25.96
CA VAL A 492 1.15 7.03 26.21
C VAL A 492 1.82 7.77 25.03
N ILE A 493 1.56 7.30 23.80
CA ILE A 493 2.16 7.91 22.60
C ILE A 493 1.71 9.36 22.49
N PHE A 494 0.41 9.60 22.62
CA PHE A 494 -0.10 10.96 22.54
C PHE A 494 0.50 11.89 23.60
N ASP A 495 0.71 11.35 24.82
CA ASP A 495 1.35 12.12 25.89
C ASP A 495 2.80 12.45 25.54
N MET A 496 3.55 11.47 25.03
CA MET A 496 4.92 11.70 24.54
C MET A 496 4.97 12.78 23.47
N LEU A 497 4.02 12.73 22.54
CA LEU A 497 3.92 13.72 21.46
C LEU A 497 3.35 15.07 21.90
N GLY A 498 2.77 15.14 23.10
CA GLY A 498 2.15 16.36 23.61
C GLY A 498 0.84 16.75 22.96
N VAL A 499 0.11 15.76 22.44
CA VAL A 499 -1.14 16.03 21.70
C VAL A 499 -2.20 16.40 22.71
N PRO A 500 -2.76 17.63 22.64
CA PRO A 500 -3.87 17.96 23.52
C PRO A 500 -5.04 16.99 23.41
N GLU A 501 -5.74 16.76 24.53
CA GLU A 501 -6.88 15.84 24.61
C GLU A 501 -7.91 16.05 23.51
N VAL A 502 -8.25 17.31 23.24
CA VAL A 502 -9.23 17.64 22.22
C VAL A 502 -8.89 17.05 20.83
N HIS A 503 -7.59 16.92 20.54
CA HIS A 503 -7.13 16.35 19.26
C HIS A 503 -7.02 14.80 19.23
N ARG A 504 -7.39 14.12 20.32
CA ARG A 504 -7.29 12.65 20.41
C ARG A 504 -8.55 11.90 19.94
N LYS A 505 -9.57 12.62 19.51
CA LYS A 505 -10.74 11.99 18.91
C LYS A 505 -11.39 13.00 18.01
N GLY A 506 -12.39 12.56 17.27
CA GLY A 506 -13.12 13.41 16.35
C GLY A 506 -12.61 13.24 14.94
N ILE A 507 -13.52 13.12 13.98
CA ILE A 507 -13.15 13.04 12.56
C ILE A 507 -12.35 14.25 12.09
N GLU A 508 -12.57 15.41 12.70
CA GLU A 508 -11.76 16.61 12.39
C GLU A 508 -10.28 16.34 12.54
N ASN A 509 -9.91 15.52 13.52
CA ASN A 509 -8.50 15.22 13.78
C ASN A 509 -7.90 14.06 12.98
N PHE A 510 -8.68 13.46 12.09
CA PHE A 510 -8.15 12.57 11.06
C PHE A 510 -7.39 13.35 9.97
N GLU A 511 -7.66 14.66 9.82
CA GLU A 511 -7.00 15.50 8.83
C GLU A 511 -5.54 15.79 9.18
N PHE A 512 -4.71 15.77 8.14
CA PHE A 512 -3.29 16.10 8.23
C PHE A 512 -3.17 17.57 8.63
N GLY A 513 -2.32 17.84 9.62
CA GLY A 513 -2.08 19.19 10.13
C GLY A 513 -2.90 19.70 11.31
N ALA A 514 -3.59 18.81 12.03
CA ALA A 514 -4.54 19.23 13.07
C ALA A 514 -3.84 19.72 14.33
N VAL A 515 -2.61 19.25 14.57
CA VAL A 515 -1.82 19.72 15.70
C VAL A 515 -0.82 20.78 15.22
N PRO A 516 -0.96 22.01 15.71
CA PRO A 516 -0.14 23.09 15.18
C PRO A 516 1.36 23.04 15.60
N PRO A 517 2.24 23.57 14.74
CA PRO A 517 3.63 23.81 15.14
C PRO A 517 3.72 24.69 16.41
N GLY A 518 4.66 24.36 17.29
CA GLY A 518 4.79 25.02 18.57
C GLY A 518 4.29 24.21 19.74
N THR A 519 3.43 23.21 19.49
CA THR A 519 2.98 22.28 20.52
C THR A 519 4.18 21.62 21.19
N ARG A 520 4.25 21.68 22.52
CA ARG A 520 5.38 21.12 23.27
C ARG A 520 5.17 19.62 23.45
N LEU A 521 6.24 18.85 23.34
CA LEU A 521 6.21 17.43 23.66
C LEU A 521 5.93 17.24 25.16
N GLY A 522 5.56 16.02 25.54
CA GLY A 522 5.40 15.68 26.95
C GLY A 522 6.76 15.41 27.56
N PRO A 523 6.86 15.39 28.89
CA PRO A 523 8.16 15.13 29.52
C PRO A 523 8.62 13.69 29.29
N ALA A 524 9.94 13.47 29.34
CA ALA A 524 10.53 12.14 29.23
C ALA A 524 10.78 11.55 30.62
N VAL A 525 10.84 10.21 30.71
CA VAL A 525 11.29 9.51 31.93
C VAL A 525 12.75 9.05 31.78
N GLU A 528 12.20 3.81 30.39
CA GLU A 528 11.30 4.48 29.44
C GLU A 528 11.21 3.69 28.12
N VAL A 529 10.30 2.71 28.10
CA VAL A 529 10.02 1.91 26.90
C VAL A 529 8.51 1.82 26.68
N LEU A 530 8.13 1.77 25.40
CA LEU A 530 6.75 1.72 24.98
C LEU A 530 6.33 0.25 24.83
N PHE A 531 7.11 -0.50 24.05
CA PHE A 531 7.03 -1.96 24.00
C PHE A 531 8.45 -2.50 24.12
N SER A 532 8.70 -3.34 25.12
CA SER A 532 10.02 -3.93 25.33
C SER A 532 10.07 -5.27 24.61
N LYS A 533 11.15 -5.47 23.84
CA LYS A 533 11.35 -6.68 23.06
C LYS A 533 11.55 -7.90 23.98
N ARG A 534 11.30 -9.10 23.44
CA ARG A 534 11.46 -10.37 24.17
C ARG A 534 12.37 -11.32 23.38
N SER A 535 13.00 -12.27 24.06
CA SER A 535 14.01 -13.15 23.45
C SER A 535 13.39 -14.22 22.53
N GLY B 1 -6.36 11.19 -2.98
CA GLY B 1 -6.21 12.64 -3.29
C GLY B 1 -5.79 12.85 -4.74
N PRO B 2 -6.00 14.06 -5.27
CA PRO B 2 -5.53 14.32 -6.64
C PRO B 2 -4.02 14.34 -6.69
N GLY B 3 -3.46 13.89 -7.81
CA GLY B 3 -2.03 14.04 -8.09
C GLY B 3 -1.74 15.48 -8.46
N SER B 4 -0.47 15.78 -8.74
CA SER B 4 -0.09 17.12 -9.19
C SER B 4 -0.65 17.43 -10.60
N MET B 5 -0.86 18.71 -10.86
CA MET B 5 -1.40 19.11 -12.15
C MET B 5 -0.33 19.04 -13.23
N LYS B 6 -0.76 19.15 -14.47
CA LYS B 6 0.14 19.16 -15.61
C LYS B 6 1.04 20.39 -15.51
N VAL B 7 2.32 20.24 -15.84
CA VAL B 7 3.19 21.41 -16.04
C VAL B 7 2.73 22.17 -17.29
N GLU B 8 2.96 23.48 -17.31
CA GLU B 8 2.63 24.34 -18.48
C GLU B 8 3.67 24.25 -19.62
N LYS B 9 4.94 24.17 -19.26
CA LYS B 9 6.04 24.03 -20.24
C LYS B 9 6.09 22.63 -20.86
N VAL B 10 7.01 22.40 -21.80
CA VAL B 10 7.25 21.07 -22.34
C VAL B 10 8.10 20.32 -21.30
N PHE B 11 7.64 19.15 -20.89
CA PHE B 11 8.39 18.36 -19.92
C PHE B 11 9.62 17.80 -20.61
N PHE B 12 10.78 18.15 -20.08
CA PHE B 12 12.06 17.89 -20.73
C PHE B 12 12.82 16.89 -19.88
N VAL B 13 13.03 15.71 -20.44
CA VAL B 13 13.72 14.61 -19.76
C VAL B 13 14.85 14.10 -20.64
N THR B 14 15.99 13.82 -20.02
CA THR B 14 17.21 13.48 -20.75
C THR B 14 17.84 12.22 -20.19
N SER B 15 18.57 11.51 -21.05
CA SER B 15 19.53 10.51 -20.62
C SER B 15 20.92 11.12 -20.79
N PRO B 16 21.96 10.45 -20.29
CA PRO B 16 23.30 10.91 -20.64
C PRO B 16 23.51 10.63 -22.12
N ILE B 17 24.48 11.29 -22.72
CA ILE B 17 24.93 10.94 -24.07
C ILE B 17 26.13 10.02 -23.93
N TYR B 18 26.12 8.91 -24.67
CA TYR B 18 27.04 7.80 -24.42
C TYR B 18 28.27 7.84 -25.32
N TYR B 19 29.43 7.49 -24.76
CA TYR B 19 30.71 7.55 -25.46
C TYR B 19 30.79 6.44 -26.50
N VAL B 20 31.15 6.79 -27.74
CA VAL B 20 31.06 5.87 -28.88
C VAL B 20 32.32 5.00 -29.08
N ASN B 21 33.14 4.88 -28.03
CA ASN B 21 34.24 3.93 -27.92
C ASN B 21 33.80 2.56 -27.31
N ALA B 22 32.49 2.36 -27.13
CA ALA B 22 31.94 1.06 -26.72
C ALA B 22 30.67 0.81 -27.56
N ALA B 23 30.36 -0.45 -27.90
CA ALA B 23 29.08 -0.79 -28.51
C ALA B 23 28.01 -0.65 -27.42
N PRO B 24 26.74 -0.45 -27.80
CA PRO B 24 25.65 -0.39 -26.81
C PRO B 24 25.59 -1.64 -25.93
N HIS B 25 25.42 -1.45 -24.61
CA HIS B 25 25.29 -2.51 -23.60
C HIS B 25 24.19 -2.13 -22.57
N ILE B 26 23.99 -2.99 -21.57
CA ILE B 26 22.90 -2.86 -20.60
C ILE B 26 22.86 -1.52 -19.85
N GLY B 27 24.02 -1.03 -19.40
CA GLY B 27 24.16 0.31 -18.83
C GLY B 27 23.49 1.44 -19.60
N HIS B 28 23.75 1.52 -20.90
CA HIS B 28 23.16 2.55 -21.76
C HIS B 28 21.65 2.33 -21.92
N VAL B 29 21.28 1.07 -22.12
CA VAL B 29 19.88 0.66 -22.26
C VAL B 29 19.07 0.98 -20.99
N TYR B 30 19.67 0.75 -19.83
CA TYR B 30 19.01 1.01 -18.55
C TYR B 30 18.78 2.50 -18.34
N SER B 31 19.82 3.30 -18.52
CA SER B 31 19.71 4.75 -18.41
C SER B 31 18.65 5.31 -19.33
N THR B 32 18.65 4.88 -20.58
CA THR B 32 17.70 5.35 -21.58
C THR B 32 16.26 4.84 -21.30
N LEU B 33 16.13 3.63 -20.77
CA LEU B 33 14.83 3.09 -20.31
C LEU B 33 14.19 4.00 -19.27
N ILE B 34 14.97 4.42 -18.28
CA ILE B 34 14.48 5.31 -17.22
C ILE B 34 13.97 6.62 -17.83
N THR B 35 14.79 7.21 -18.68
CA THR B 35 14.43 8.41 -19.43
C THR B 35 13.13 8.21 -20.18
N ASP B 36 13.02 7.07 -20.85
CA ASP B 36 11.86 6.76 -21.67
C ASP B 36 10.57 6.62 -20.86
N VAL B 37 10.67 5.91 -19.74
CA VAL B 37 9.54 5.71 -18.84
C VAL B 37 9.02 7.05 -18.31
N ILE B 38 9.93 7.90 -17.86
CA ILE B 38 9.57 9.20 -17.35
C ILE B 38 8.86 9.97 -18.46
N GLY B 39 9.41 9.94 -19.66
CA GLY B 39 8.79 10.62 -20.77
C GLY B 39 7.40 10.10 -21.06
N ARG B 40 7.28 8.78 -21.12
CA ARG B 40 5.97 8.16 -21.36
C ARG B 40 4.93 8.53 -20.29
N TYR B 41 5.32 8.55 -19.02
CA TYR B 41 4.37 8.89 -17.96
C TYR B 41 3.83 10.28 -18.16
N HIS B 42 4.70 11.22 -18.49
CA HIS B 42 4.23 12.58 -18.68
C HIS B 42 3.34 12.75 -19.94
N ARG B 43 3.60 11.95 -20.99
CA ARG B 43 2.71 11.91 -22.16
C ARG B 43 1.36 11.34 -21.79
N VAL B 44 1.36 10.25 -21.05
CA VAL B 44 0.12 9.66 -20.54
C VAL B 44 -0.69 10.63 -19.67
N LYS B 45 0.02 11.46 -18.91
CA LYS B 45 -0.60 12.50 -18.10
C LYS B 45 -1.22 13.62 -18.95
N GLY B 46 -0.87 13.67 -20.23
CA GLY B 46 -1.42 14.64 -21.17
C GLY B 46 -0.54 15.85 -21.34
N GLU B 47 0.72 15.78 -20.88
CA GLU B 47 1.65 16.89 -21.04
C GLU B 47 2.36 16.81 -22.38
N ARG B 48 2.87 17.94 -22.83
CA ARG B 48 3.87 17.94 -23.90
C ARG B 48 5.20 17.46 -23.33
N VAL B 49 5.87 16.59 -24.09
CA VAL B 49 7.11 15.96 -23.66
C VAL B 49 8.15 16.04 -24.75
N PHE B 50 9.39 16.29 -24.32
CA PHE B 50 10.55 16.12 -25.16
C PHE B 50 11.58 15.27 -24.41
N ALA B 51 11.79 14.04 -24.88
CA ALA B 51 12.76 13.14 -24.28
C ALA B 51 13.99 13.10 -25.18
N LEU B 52 15.17 13.25 -24.57
CA LEU B 52 16.42 13.38 -25.30
C LEU B 52 17.38 12.28 -24.90
N THR B 53 18.03 11.70 -25.90
CA THR B 53 19.19 10.81 -25.70
C THR B 53 20.21 11.07 -26.80
N GLY B 54 21.33 10.36 -26.77
CA GLY B 54 22.30 10.48 -27.86
C GLY B 54 23.71 10.01 -27.54
N THR B 55 24.66 10.52 -28.34
CA THR B 55 26.04 10.06 -28.34
C THR B 55 27.07 11.19 -28.23
N ASP B 56 28.12 10.88 -27.49
CA ASP B 56 29.24 11.75 -27.16
C ASP B 56 30.40 11.26 -28.05
N GLU B 57 30.78 12.04 -29.07
CA GLU B 57 31.60 11.55 -30.19
C GLU B 57 33.05 12.06 -30.33
N HIS B 58 33.39 13.12 -29.61
CA HIS B 58 34.73 13.69 -29.68
C HIS B 58 35.69 13.09 -28.65
N GLY B 59 36.96 13.42 -28.78
CA GLY B 59 37.96 13.08 -27.78
C GLY B 59 39.05 12.10 -28.17
N GLN B 60 40.07 12.06 -27.33
CA GLN B 60 41.26 11.25 -27.54
C GLN B 60 40.96 9.76 -27.76
N LYS B 61 40.19 9.18 -26.83
CA LYS B 61 39.88 7.73 -26.89
C LYS B 61 39.07 7.34 -28.14
N VAL B 62 38.17 8.22 -28.61
CA VAL B 62 37.39 7.91 -29.81
C VAL B 62 38.27 7.95 -31.06
N ALA B 63 39.18 8.92 -31.12
CA ALA B 63 40.10 9.04 -32.26
C ALA B 63 41.10 7.88 -32.35
N GLU B 64 41.60 7.41 -31.19
CA GLU B 64 42.47 6.24 -31.13
C GLU B 64 41.74 4.93 -31.53
N ALA B 65 40.48 4.76 -31.13
CA ALA B 65 39.69 3.60 -31.56
C ALA B 65 39.45 3.62 -33.07
N ALA B 66 39.23 4.80 -33.62
CA ALA B 66 39.07 4.96 -35.05
C ALA B 66 40.36 4.63 -35.84
N LYS B 67 41.52 5.11 -35.34
CA LYS B 67 42.84 4.74 -35.89
C LYS B 67 43.09 3.21 -35.90
N GLN B 68 42.76 2.54 -34.79
CA GLN B 68 42.85 1.07 -34.72
C GLN B 68 42.06 0.35 -35.83
N LYS B 69 40.83 0.80 -36.09
CA LYS B 69 39.99 0.23 -37.16
C LYS B 69 40.33 0.73 -38.56
N GLN B 70 41.31 1.64 -38.67
CA GLN B 70 41.76 2.21 -39.94
C GLN B 70 40.63 2.88 -40.73
N VAL B 71 39.82 3.64 -40.00
CA VAL B 71 38.75 4.48 -40.56
C VAL B 71 38.91 5.88 -39.99
N SER B 72 38.34 6.87 -40.68
CA SER B 72 38.35 8.23 -40.16
C SER B 72 37.44 8.30 -38.92
N PRO B 73 37.78 9.18 -37.95
CA PRO B 73 36.91 9.38 -36.79
C PRO B 73 35.44 9.68 -37.15
N TYR B 74 35.23 10.47 -38.18
CA TYR B 74 33.89 10.78 -38.69
C TYR B 74 33.07 9.52 -39.10
N ASP B 75 33.69 8.60 -39.83
CA ASP B 75 32.99 7.37 -40.24
C ASP B 75 32.79 6.42 -39.06
N PHE B 76 33.77 6.37 -38.17
CA PHE B 76 33.71 5.53 -36.97
C PHE B 76 32.57 5.97 -36.04
N THR B 77 32.52 7.27 -35.76
CA THR B 77 31.49 7.79 -34.87
C THR B 77 30.10 7.63 -35.50
N THR B 78 30.00 7.83 -36.81
CA THR B 78 28.73 7.64 -37.54
C THR B 78 28.23 6.19 -37.47
N ALA B 79 29.15 5.24 -37.59
CA ALA B 79 28.80 3.83 -37.51
C ALA B 79 28.33 3.47 -36.08
N VAL B 80 29.08 3.87 -35.06
CA VAL B 80 28.74 3.50 -33.68
C VAL B 80 27.45 4.21 -33.26
N ALA B 81 27.27 5.46 -33.66
CA ALA B 81 26.01 6.15 -33.40
C ALA B 81 24.84 5.40 -34.00
N GLY B 82 25.03 4.89 -35.22
CA GLY B 82 24.07 4.00 -35.88
C GLY B 82 23.70 2.78 -35.06
N GLU B 83 24.70 2.14 -34.43
CA GLU B 83 24.47 1.01 -33.55
C GLU B 83 23.61 1.39 -32.34
N PHE B 84 23.88 2.55 -31.72
CA PHE B 84 23.08 3.04 -30.59
C PHE B 84 21.65 3.31 -31.03
N LYS B 85 21.48 3.95 -32.18
CA LYS B 85 20.16 4.19 -32.75
C LYS B 85 19.38 2.89 -33.01
N LYS B 86 20.04 1.89 -33.61
CA LYS B 86 19.42 0.59 -33.88
C LYS B 86 18.99 -0.09 -32.57
N CYS B 87 19.88 -0.07 -31.59
CA CYS B 87 19.60 -0.67 -30.27
C CYS B 87 18.35 -0.06 -29.61
N PHE B 88 18.24 1.26 -29.65
CA PHE B 88 17.11 1.95 -29.04
C PHE B 88 15.81 1.75 -29.82
N GLU B 89 15.89 1.59 -31.15
CA GLU B 89 14.72 1.18 -31.95
C GLU B 89 14.27 -0.24 -31.56
N GLN B 90 15.22 -1.18 -31.44
CA GLN B 90 14.90 -2.57 -31.05
C GLN B 90 14.29 -2.67 -29.66
N MET B 91 14.80 -1.84 -28.72
CA MET B 91 14.25 -1.79 -27.36
C MET B 91 12.88 -1.11 -27.27
N ASP B 92 12.41 -0.50 -28.35
CA ASP B 92 11.06 0.01 -28.46
C ASP B 92 10.84 1.19 -27.49
N TYR B 93 11.80 2.11 -27.48
CA TYR B 93 11.69 3.37 -26.75
C TYR B 93 10.92 4.38 -27.58
N SER B 94 10.52 5.48 -26.96
CA SER B 94 9.82 6.55 -27.64
C SER B 94 10.53 7.86 -27.30
N ILE B 95 11.79 7.91 -27.69
CA ILE B 95 12.64 9.09 -27.48
C ILE B 95 12.41 10.04 -28.64
N ASP B 96 12.25 11.33 -28.34
CA ASP B 96 11.91 12.32 -29.37
C ASP B 96 13.09 12.73 -30.26
N TYR B 97 14.30 12.72 -29.72
CA TYR B 97 15.45 13.13 -30.51
C TYR B 97 16.71 12.46 -30.03
N PHE B 98 17.54 12.11 -31.01
CA PHE B 98 18.82 11.48 -30.79
C PHE B 98 19.89 12.49 -31.23
N ILE B 99 20.59 13.07 -30.26
CA ILE B 99 21.59 14.06 -30.54
C ILE B 99 22.98 13.45 -30.66
N ARG B 100 23.78 14.03 -31.54
CA ARG B 100 25.16 13.64 -31.73
C ARG B 100 26.03 14.88 -31.58
N THR B 101 27.11 14.80 -30.81
CA THR B 101 27.94 15.97 -30.54
C THR B 101 28.77 16.44 -31.76
N THR B 102 28.90 15.60 -32.78
CA THR B 102 29.42 16.04 -34.09
C THR B 102 28.48 16.97 -34.88
N ASN B 103 27.24 17.11 -34.42
CA ASN B 103 26.27 17.94 -35.12
C ASN B 103 26.70 19.41 -35.08
N GLU B 104 26.60 20.06 -36.23
CA GLU B 104 27.07 21.44 -36.38
C GLU B 104 26.29 22.41 -35.51
N GLN B 105 24.99 22.16 -35.34
CA GLN B 105 24.16 23.00 -34.49
C GLN B 105 24.59 22.86 -33.00
N HIS B 106 24.91 21.65 -32.57
CA HIS B 106 25.54 21.45 -31.26
C HIS B 106 26.84 22.24 -31.07
N LYS B 107 27.70 22.19 -32.08
CA LYS B 107 28.97 22.91 -32.04
C LYS B 107 28.80 24.41 -31.88
N ALA B 108 27.82 24.96 -32.60
CA ALA B 108 27.48 26.37 -32.51
C ALA B 108 27.05 26.75 -31.09
N VAL B 109 26.26 25.90 -30.46
CA VAL B 109 25.77 26.14 -29.10
C VAL B 109 26.96 26.07 -28.13
N VAL B 110 27.86 25.10 -28.31
CA VAL B 110 29.05 25.00 -27.47
C VAL B 110 29.87 26.29 -27.58
N LYS B 111 30.05 26.80 -28.79
CA LYS B 111 30.77 28.05 -29.03
C LYS B 111 30.09 29.26 -28.37
N GLU B 112 28.77 29.38 -28.53
CA GLU B 112 28.03 30.45 -27.86
C GLU B 112 28.18 30.38 -26.35
N LEU B 113 28.02 29.19 -25.78
CA LEU B 113 28.10 29.03 -24.33
C LEU B 113 29.53 29.33 -23.85
N TRP B 114 30.52 28.82 -24.56
CA TRP B 114 31.93 29.12 -24.25
C TRP B 114 32.16 30.63 -24.21
N THR B 115 31.76 31.30 -25.28
CA THR B 115 31.96 32.74 -25.42
C THR B 115 31.26 33.52 -24.33
N LYS B 116 30.05 33.08 -23.97
CA LYS B 116 29.30 33.72 -22.90
C LYS B 116 30.09 33.63 -21.58
N LEU B 117 30.61 32.44 -21.28
CA LEU B 117 31.38 32.23 -20.05
C LEU B 117 32.66 33.06 -20.04
N GLU B 118 33.28 33.18 -21.21
CA GLU B 118 34.49 33.96 -21.36
C GLU B 118 34.23 35.47 -21.18
N GLN B 119 33.17 35.98 -21.80
CA GLN B 119 32.75 37.39 -21.58
C GLN B 119 32.44 37.73 -20.11
N LYS B 120 31.88 36.77 -19.35
CA LYS B 120 31.55 36.97 -17.94
C LYS B 120 32.79 37.02 -17.02
N GLY B 121 33.99 36.71 -17.55
CA GLY B 121 35.19 36.59 -16.76
C GLY B 121 35.35 35.26 -16.06
N ASP B 122 34.59 34.24 -16.47
CA ASP B 122 34.57 32.94 -15.79
C ASP B 122 35.43 31.86 -16.47
N ILE B 123 35.91 32.12 -17.68
CA ILE B 123 36.98 31.34 -18.30
C ILE B 123 38.09 32.30 -18.54
N TYR B 124 39.28 31.95 -18.09
CA TYR B 124 40.46 32.72 -18.42
C TYR B 124 41.52 31.79 -19.01
N LEU B 125 42.45 32.40 -19.74
CA LEU B 125 43.58 31.71 -20.31
C LEU B 125 44.75 31.83 -19.35
N GLY B 126 45.35 30.68 -19.02
CA GLY B 126 46.51 30.63 -18.14
C GLY B 126 47.58 29.69 -18.64
N ARG B 127 48.81 29.85 -18.17
CA ARG B 127 49.93 28.98 -18.56
C ARG B 127 50.07 28.01 -17.39
N TYR B 128 49.93 26.72 -17.65
CA TYR B 128 50.14 25.71 -16.61
C TYR B 128 51.55 25.20 -16.77
N GLU B 129 52.27 25.17 -15.64
CA GLU B 129 53.67 24.77 -15.57
C GLU B 129 53.75 23.69 -14.49
N GLY B 130 53.86 22.43 -14.89
CA GLY B 130 53.71 21.32 -13.94
C GLY B 130 53.66 19.98 -14.63
N TRP B 131 53.35 18.92 -13.87
CA TRP B 131 53.28 17.57 -14.43
C TRP B 131 51.93 17.32 -15.09
N TYR B 132 51.94 16.44 -16.10
CA TYR B 132 50.76 16.11 -16.88
C TYR B 132 50.84 14.68 -17.36
N SER B 133 49.76 13.93 -17.23
CA SER B 133 49.66 12.58 -17.81
C SER B 133 48.83 12.63 -19.09
N ILE B 134 49.48 12.42 -20.23
CA ILE B 134 48.82 12.44 -21.54
C ILE B 134 47.76 11.34 -21.63
N SER B 135 48.10 10.14 -21.15
CA SER B 135 47.19 8.99 -21.19
C SER B 135 45.92 9.17 -20.31
N ASP B 136 46.05 9.85 -19.18
CA ASP B 136 44.89 10.19 -18.33
C ASP B 136 44.27 11.55 -18.67
N GLU B 137 44.95 12.34 -19.51
CA GLU B 137 44.54 13.70 -19.86
C GLU B 137 44.40 14.56 -18.59
N SER B 138 45.37 14.41 -17.69
CA SER B 138 45.22 14.83 -16.31
C SER B 138 46.42 15.66 -15.82
N PHE B 139 46.11 16.78 -15.17
CA PHE B 139 47.11 17.58 -14.47
C PHE B 139 47.41 16.96 -13.09
N LEU B 140 48.68 16.92 -12.70
CA LEU B 140 49.13 16.26 -11.47
C LEU B 140 50.09 17.15 -10.70
N THR B 141 49.93 17.18 -9.38
CA THR B 141 50.88 17.87 -8.49
C THR B 141 52.12 16.97 -8.28
N PRO B 142 53.24 17.52 -7.77
CA PRO B 142 54.42 16.66 -7.54
C PRO B 142 54.21 15.47 -6.56
N GLN B 143 53.25 15.61 -5.63
CA GLN B 143 52.90 14.51 -4.70
C GLN B 143 52.19 13.31 -5.35
N ASN B 144 51.68 13.48 -6.58
CA ASN B 144 51.05 12.37 -7.33
C ASN B 144 51.99 11.71 -8.36
N ILE B 145 53.28 11.99 -8.29
CA ILE B 145 54.29 11.43 -9.21
C ILE B 145 55.33 10.61 -8.44
N THR B 146 55.89 9.59 -9.10
CA THR B 146 57.04 8.79 -8.58
C THR B 146 57.88 8.26 -9.76
N ASP B 147 58.97 7.56 -9.46
CA ASP B 147 59.89 7.01 -10.48
C ASP B 147 59.35 5.72 -11.10
N GLY B 148 59.66 5.50 -12.39
CA GLY B 148 59.26 4.27 -13.10
C GLY B 148 59.92 4.11 -14.48
N VAL B 149 59.30 3.32 -15.34
CA VAL B 149 59.80 3.04 -16.72
C VAL B 149 58.64 3.10 -17.76
N ASP B 150 58.95 3.08 -19.08
CA ASP B 150 57.91 3.41 -20.12
C ASP B 150 57.62 2.30 -21.15
N ASN B 154 65.34 3.07 -19.65
CA ASN B 154 64.53 4.24 -19.88
C ASN B 154 63.87 4.76 -18.58
N PRO B 155 64.67 5.45 -17.73
CA PRO B 155 64.15 5.95 -16.46
C PRO B 155 63.30 7.21 -16.67
N CYS B 156 62.14 7.27 -16.03
CA CYS B 156 61.24 8.41 -16.18
C CYS B 156 60.34 8.57 -14.95
N LYS B 157 59.50 9.60 -14.98
CA LYS B 157 58.47 9.80 -13.96
C LYS B 157 57.15 9.17 -14.45
N VAL B 158 56.38 8.63 -13.50
CA VAL B 158 55.05 8.07 -13.76
C VAL B 158 54.02 8.59 -12.74
N SER B 159 52.75 8.44 -13.09
CA SER B 159 51.65 8.81 -12.19
C SER B 159 51.53 7.80 -11.05
N LEU B 160 51.32 8.31 -9.85
CA LEU B 160 51.00 7.46 -8.69
C LEU B 160 49.63 6.81 -8.84
N GLU B 161 48.66 7.54 -9.41
CA GLU B 161 47.33 6.93 -9.59
C GLU B 161 47.26 5.83 -10.64
N SER B 162 47.85 6.02 -11.81
CA SER B 162 47.68 5.09 -12.95
C SER B 162 48.95 4.38 -13.45
N GLY B 163 50.13 4.79 -12.99
CA GLY B 163 51.39 4.24 -13.50
C GLY B 163 51.81 4.67 -14.91
N HIS B 164 51.04 5.55 -15.56
CA HIS B 164 51.37 6.05 -16.90
C HIS B 164 52.44 7.14 -16.85
N VAL B 165 53.12 7.36 -17.98
CA VAL B 165 54.23 8.31 -18.07
C VAL B 165 53.71 9.75 -17.93
N VAL B 166 54.39 10.55 -17.11
CA VAL B 166 54.07 11.97 -16.96
C VAL B 166 55.21 12.80 -17.55
N THR B 167 54.87 14.01 -18.01
CA THR B 167 55.86 14.93 -18.58
C THR B 167 55.66 16.29 -17.92
N TRP B 168 56.74 17.08 -17.88
CA TRP B 168 56.68 18.44 -17.40
C TRP B 168 56.28 19.30 -18.59
N VAL B 169 55.16 20.00 -18.45
CA VAL B 169 54.64 20.82 -19.54
C VAL B 169 54.72 22.27 -19.11
N SER B 170 54.88 23.12 -20.10
CA SER B 170 54.64 24.53 -19.94
C SER B 170 53.74 24.88 -21.12
N GLU B 171 52.42 24.90 -20.88
CA GLU B 171 51.38 25.00 -21.92
C GLU B 171 50.25 25.93 -21.49
N GLU B 172 49.74 26.71 -22.43
CA GLU B 172 48.52 27.50 -22.19
C GLU B 172 47.30 26.60 -22.13
N ASN B 173 46.44 26.84 -21.15
CA ASN B 173 45.20 26.12 -21.01
C ASN B 173 44.10 27.05 -20.48
N TYR B 174 42.87 26.81 -20.94
CA TYR B 174 41.70 27.52 -20.43
C TYR B 174 41.08 26.87 -19.18
N MET B 175 40.76 27.74 -18.20
CA MET B 175 40.27 27.32 -16.88
C MET B 175 38.95 28.00 -16.62
N PHE B 176 37.95 27.23 -16.18
CA PHE B 176 36.67 27.76 -15.70
C PHE B 176 36.76 28.02 -14.19
N ARG B 177 36.29 29.17 -13.73
CA ARG B 177 36.45 29.60 -12.32
C ARG B 177 35.41 28.96 -11.40
N LEU B 178 35.44 27.64 -11.32
CA LEU B 178 34.46 26.89 -10.57
C LEU B 178 34.43 27.24 -9.07
N SER B 179 35.60 27.56 -8.51
CA SER B 179 35.73 27.93 -7.09
C SER B 179 34.86 29.15 -6.71
N ALA B 180 34.63 30.04 -7.65
CA ALA B 180 33.75 31.19 -7.45
C ALA B 180 32.25 30.86 -7.32
N PHE B 181 31.85 29.61 -7.57
CA PHE B 181 30.43 29.18 -7.55
C PHE B 181 30.02 28.34 -6.34
N ARG B 182 30.94 28.11 -5.41
CA ARG B 182 30.66 27.31 -4.22
C ARG B 182 29.42 27.79 -3.44
N GLU B 183 29.39 29.07 -3.04
CA GLU B 183 28.29 29.59 -2.22
C GLU B 183 26.96 29.52 -2.99
N ARG B 184 26.96 29.89 -4.27
CA ARG B 184 25.73 29.84 -5.07
C ARG B 184 25.21 28.40 -5.29
N LEU B 185 26.11 27.44 -5.45
CA LEU B 185 25.71 26.04 -5.58
C LEU B 185 25.10 25.54 -4.27
N LEU B 186 25.75 25.83 -3.15
CA LEU B 186 25.20 25.45 -1.84
C LEU B 186 23.82 26.09 -1.58
N GLU B 187 23.63 27.36 -1.93
CA GLU B 187 22.29 27.99 -1.87
C GLU B 187 21.27 27.25 -2.74
N TRP B 188 21.68 26.81 -3.91
CA TRP B 188 20.80 26.09 -4.81
C TRP B 188 20.37 24.72 -4.22
N TYR B 189 21.32 23.96 -3.68
CA TYR B 189 21.00 22.66 -3.05
C TYR B 189 20.04 22.84 -1.86
N HIS B 190 20.29 23.85 -1.02
CA HIS B 190 19.50 24.07 0.20
C HIS B 190 18.10 24.60 -0.10
N ALA B 191 17.99 25.49 -1.09
CA ALA B 191 16.67 25.99 -1.52
C ALA B 191 15.84 24.94 -2.27
N ASN B 192 16.46 23.90 -2.80
CA ASN B 192 15.75 22.92 -3.65
C ASN B 192 16.15 21.54 -3.17
N PRO B 193 15.68 21.15 -1.96
CA PRO B 193 16.15 19.91 -1.37
C PRO B 193 15.74 18.61 -2.07
N GLY B 194 14.88 18.68 -3.09
CA GLY B 194 14.63 17.51 -3.96
C GLY B 194 15.35 17.55 -5.30
N CYS B 195 16.31 18.47 -5.49
CA CYS B 195 16.95 18.65 -6.79
C CYS B 195 17.89 17.50 -7.18
N ILE B 196 18.34 16.72 -6.20
CA ILE B 196 19.19 15.56 -6.47
C ILE B 196 18.59 14.38 -5.74
N VAL B 197 18.41 13.27 -6.46
CA VAL B 197 17.76 12.08 -5.99
C VAL B 197 18.65 10.87 -6.35
N PRO B 198 18.78 9.88 -5.47
CA PRO B 198 18.17 9.83 -4.13
C PRO B 198 18.90 10.70 -3.12
N GLU B 199 18.27 10.88 -1.97
CA GLU B 199 18.68 11.84 -0.95
C GLU B 199 20.14 11.66 -0.49
N PHE B 200 20.63 10.43 -0.33
CA PHE B 200 22.01 10.23 0.13
C PHE B 200 23.06 10.70 -0.90
N ARG B 201 22.70 10.66 -2.19
CA ARG B 201 23.58 11.19 -3.23
C ARG B 201 23.61 12.70 -3.18
N ARG B 202 22.46 13.29 -2.86
CA ARG B 202 22.38 14.72 -2.63
C ARG B 202 23.26 15.17 -1.46
N ARG B 203 23.25 14.40 -0.37
CA ARG B 203 24.11 14.69 0.78
C ARG B 203 25.60 14.60 0.38
N GLU B 204 25.97 13.59 -0.42
CA GLU B 204 27.35 13.45 -0.93
C GLU B 204 27.82 14.69 -1.72
N VAL B 205 26.95 15.21 -2.58
CA VAL B 205 27.28 16.37 -3.38
C VAL B 205 27.50 17.57 -2.50
N ILE B 206 26.62 17.77 -1.53
CA ILE B 206 26.69 18.92 -0.64
C ILE B 206 28.00 18.88 0.17
N ARG B 207 28.33 17.72 0.74
CA ARG B 207 29.54 17.58 1.51
C ARG B 207 30.75 17.92 0.66
N ALA B 208 30.77 17.43 -0.58
CA ALA B 208 31.89 17.68 -1.51
C ALA B 208 32.07 19.17 -1.80
N VAL B 209 30.96 19.87 -2.04
CA VAL B 209 31.02 21.30 -2.33
C VAL B 209 31.38 22.12 -1.07
N GLU B 210 30.88 21.70 0.10
CA GLU B 210 31.27 22.30 1.40
C GLU B 210 32.80 22.28 1.63
N LYS B 211 33.46 21.15 1.29
CA LYS B 211 34.93 21.04 1.41
C LYS B 211 35.72 22.10 0.63
N GLY B 212 35.21 22.52 -0.52
CA GLY B 212 35.81 23.56 -1.35
C GLY B 212 35.89 23.06 -2.77
N LEU B 213 35.88 23.97 -3.74
CA LEU B 213 35.92 23.60 -5.15
C LEU B 213 37.16 24.21 -5.81
N PRO B 214 37.98 23.39 -6.49
CA PRO B 214 39.03 23.96 -7.36
C PRO B 214 38.45 24.49 -8.65
N ASP B 215 39.22 25.30 -9.36
CA ASP B 215 38.89 25.65 -10.74
C ASP B 215 39.03 24.45 -11.63
N LEU B 216 38.38 24.50 -12.80
CA LEU B 216 38.27 23.36 -13.68
C LEU B 216 38.84 23.69 -15.07
N SER B 217 39.71 22.80 -15.54
CA SER B 217 40.30 22.94 -16.87
C SER B 217 39.27 22.49 -17.93
N VAL B 218 38.95 23.41 -18.84
CA VAL B 218 37.91 23.18 -19.86
C VAL B 218 38.47 23.10 -21.30
N SER B 219 39.79 23.14 -21.48
CA SER B 219 40.40 22.92 -22.82
C SER B 219 41.55 21.94 -22.77
N ARG B 220 41.94 21.45 -23.95
CA ARG B 220 43.16 20.68 -24.14
C ARG B 220 43.85 21.12 -25.43
N ALA B 221 45.17 20.99 -25.48
CA ALA B 221 45.93 21.24 -26.72
C ALA B 221 45.41 20.29 -27.81
N ARG B 222 45.29 20.78 -29.03
CA ARG B 222 44.68 19.99 -30.11
C ARG B 222 45.40 18.66 -30.43
N ALA B 223 46.72 18.63 -30.31
CA ALA B 223 47.45 17.38 -30.57
C ALA B 223 47.05 16.27 -29.61
N THR B 224 46.82 16.60 -28.34
CA THR B 224 46.52 15.58 -27.32
C THR B 224 45.16 14.90 -27.56
N LEU B 225 44.25 15.56 -28.30
CA LEU B 225 42.98 14.98 -28.76
C LEU B 225 42.96 14.45 -30.21
N HIS B 226 44.13 14.37 -30.85
CA HIS B 226 44.25 14.03 -32.27
C HIS B 226 43.33 14.87 -33.14
N ASN B 227 43.20 16.13 -32.77
CA ASN B 227 42.37 17.10 -33.49
C ASN B 227 40.90 16.72 -33.63
N TRP B 228 40.41 15.83 -32.78
CA TRP B 228 39.07 15.34 -32.90
C TRP B 228 38.22 15.92 -31.74
N ALA B 229 37.85 17.17 -31.90
CA ALA B 229 37.15 17.95 -30.85
C ALA B 229 36.71 19.31 -31.40
N ILE B 230 35.88 20.02 -30.64
CA ILE B 230 35.42 21.35 -31.03
C ILE B 230 36.54 22.37 -30.73
N PRO B 231 36.94 23.19 -31.73
CA PRO B 231 37.98 24.21 -31.41
C PRO B 231 37.49 25.29 -30.46
N VAL B 232 38.38 25.79 -29.62
CA VAL B 232 38.08 26.93 -28.78
C VAL B 232 37.86 28.14 -29.68
N PRO B 233 36.74 28.89 -29.49
CA PRO B 233 36.55 30.15 -30.24
C PRO B 233 37.70 31.15 -30.09
N GLY B 234 38.26 31.55 -31.24
CA GLY B 234 39.35 32.50 -31.28
C GLY B 234 40.71 31.94 -30.91
N ASN B 235 40.83 30.62 -30.75
CA ASN B 235 42.11 29.99 -30.46
C ASN B 235 42.13 28.56 -30.98
N PRO B 236 42.46 28.39 -32.28
CA PRO B 236 42.47 27.06 -32.89
C PRO B 236 43.61 26.13 -32.44
N ASP B 237 44.56 26.60 -31.62
CA ASP B 237 45.50 25.67 -30.97
C ASP B 237 44.88 24.80 -29.86
N HIS B 238 43.69 25.19 -29.38
CA HIS B 238 43.00 24.49 -28.29
C HIS B 238 41.64 23.99 -28.66
N CYS B 239 41.23 22.94 -27.94
CA CYS B 239 39.96 22.29 -28.15
C CYS B 239 39.16 22.30 -26.85
N VAL B 240 37.84 22.34 -27.00
CA VAL B 240 36.93 22.31 -25.88
C VAL B 240 36.95 20.90 -25.32
N TYR B 241 37.22 20.79 -24.04
CA TYR B 241 37.33 19.47 -23.46
C TYR B 241 35.89 18.89 -23.18
N VAL B 242 35.81 17.72 -22.56
CA VAL B 242 34.53 17.03 -22.34
C VAL B 242 33.44 17.84 -21.64
N TRP B 243 33.81 18.71 -20.71
CA TRP B 243 32.85 19.31 -19.80
C TRP B 243 31.85 20.19 -20.58
N LEU B 244 32.38 21.19 -21.32
CA LEU B 244 31.53 22.11 -22.07
C LEU B 244 31.03 21.55 -23.39
N ASP B 245 31.64 20.47 -23.89
CA ASP B 245 31.06 19.79 -25.04
C ASP B 245 29.87 18.89 -24.70
N ALA B 246 30.10 17.86 -23.88
CA ALA B 246 29.09 16.84 -23.63
C ALA B 246 27.88 17.38 -22.84
N LEU B 247 28.13 18.08 -21.74
CA LEU B 247 27.03 18.59 -20.89
C LEU B 247 26.14 19.55 -21.66
N THR B 248 26.72 20.29 -22.59
CA THR B 248 25.97 21.25 -23.39
C THR B 248 24.92 20.62 -24.32
N ASN B 249 24.98 19.30 -24.56
CA ASN B 249 23.99 18.63 -25.41
C ASN B 249 22.57 18.90 -24.95
N TYR B 250 22.37 18.98 -23.63
CA TYR B 250 21.05 19.28 -23.07
C TYR B 250 20.52 20.65 -23.49
N LEU B 251 21.39 21.66 -23.52
CA LEU B 251 21.03 22.98 -24.02
C LEU B 251 20.76 22.97 -25.54
N THR B 252 21.66 22.34 -26.30
CA THR B 252 21.43 22.19 -27.74
C THR B 252 20.10 21.51 -28.03
N GLY B 253 19.86 20.36 -27.41
CA GLY B 253 18.62 19.60 -27.59
C GLY B 253 17.38 20.43 -27.31
N SER B 254 17.46 21.31 -26.31
CA SER B 254 16.32 22.18 -25.92
C SER B 254 16.00 23.27 -26.94
N ARG B 255 16.89 23.47 -27.90
CA ARG B 255 16.77 24.52 -28.92
C ARG B 255 16.61 24.00 -30.36
N LEU B 256 16.46 22.68 -30.53
CA LEU B 256 16.29 22.11 -31.87
C LEU B 256 14.83 21.84 -32.21
N ARG B 257 14.33 22.46 -33.29
CA ARG B 257 13.07 22.05 -33.94
C ARG B 257 13.31 20.77 -34.71
N VAL B 258 12.46 19.78 -34.49
CA VAL B 258 12.66 18.43 -35.00
C VAL B 258 11.47 18.08 -35.87
N ASP B 259 11.71 17.54 -37.07
CA ASP B 259 10.62 17.14 -38.00
C ASP B 259 10.01 15.79 -37.60
N GLU B 260 8.93 15.40 -38.29
CA GLU B 260 8.19 14.16 -38.01
C GLU B 260 9.05 12.86 -38.10
N SER B 261 10.13 12.87 -38.90
CA SER B 261 11.05 11.72 -38.98
C SER B 261 12.27 11.75 -38.02
N GLY B 262 12.37 12.78 -37.17
CA GLY B 262 13.42 12.87 -36.16
C GLY B 262 14.74 13.57 -36.52
N LYS B 263 14.81 14.18 -37.70
CA LYS B 263 15.97 14.99 -38.09
C LYS B 263 15.78 16.42 -37.55
N GLU B 264 16.84 16.99 -36.97
CA GLU B 264 16.82 18.41 -36.59
C GLU B 264 16.76 19.28 -37.85
N VAL B 265 15.88 20.25 -37.85
CA VAL B 265 15.67 21.12 -39.01
C VAL B 265 16.16 22.55 -38.79
N SER B 266 16.38 22.93 -37.53
CA SER B 266 16.59 24.33 -37.19
C SER B 266 17.01 24.48 -35.73
N LEU B 267 17.93 25.40 -35.47
CA LEU B 267 18.35 25.75 -34.13
C LEU B 267 17.78 27.13 -33.82
N VAL B 268 16.97 27.25 -32.77
CA VAL B 268 16.43 28.56 -32.38
C VAL B 268 17.43 29.32 -31.50
N ASP B 269 17.33 30.64 -31.52
CA ASP B 269 18.23 31.54 -30.78
C ASP B 269 17.95 31.50 -29.29
N ASP B 270 16.67 31.58 -28.93
CA ASP B 270 16.22 31.69 -27.56
C ASP B 270 15.54 30.37 -27.15
N PHE B 271 16.08 29.73 -26.11
CA PHE B 271 15.54 28.47 -25.60
C PHE B 271 14.07 28.58 -25.17
N ASN B 272 13.64 29.75 -24.68
CA ASN B 272 12.24 29.94 -24.26
C ASN B 272 11.22 29.71 -25.38
N GLU B 273 11.64 29.88 -26.64
CA GLU B 273 10.76 29.66 -27.79
C GLU B 273 10.20 28.23 -27.84
N LEU B 274 10.98 27.23 -27.42
CA LEU B 274 10.52 25.85 -27.45
C LEU B 274 10.08 25.32 -26.09
N GLU B 275 10.27 26.09 -25.03
CA GLU B 275 9.71 25.81 -23.69
C GLU B 275 10.22 24.50 -23.03
N ARG B 276 11.41 24.04 -23.42
CA ARG B 276 12.00 22.81 -22.88
C ARG B 276 13.02 23.09 -21.79
N PHE B 277 13.97 24.00 -22.05
CA PHE B 277 15.03 24.27 -21.10
C PHE B 277 14.46 24.99 -19.88
N PRO B 278 14.88 24.66 -18.67
CA PRO B 278 15.86 23.62 -18.33
C PRO B 278 15.18 22.28 -18.14
N ALA B 279 16.00 21.23 -18.07
CA ALA B 279 15.48 19.88 -17.89
C ALA B 279 14.69 19.75 -16.59
N ASP B 280 13.56 19.09 -16.70
CA ASP B 280 12.78 18.69 -15.54
C ASP B 280 13.43 17.51 -14.82
N VAL B 281 13.96 16.56 -15.59
CA VAL B 281 14.73 15.44 -15.06
C VAL B 281 15.95 15.15 -15.94
N HIS B 282 17.13 15.20 -15.36
CA HIS B 282 18.33 14.58 -15.94
C HIS B 282 18.52 13.20 -15.33
N VAL B 283 18.46 12.15 -16.15
CA VAL B 283 18.73 10.79 -15.70
C VAL B 283 20.22 10.54 -15.94
N ILE B 284 20.91 10.08 -14.90
CA ILE B 284 22.34 9.75 -15.00
C ILE B 284 22.70 8.55 -14.15
N GLY B 285 23.82 7.93 -14.47
CA GLY B 285 24.47 6.99 -13.58
C GLY B 285 25.21 7.74 -12.49
N LYS B 286 25.39 7.10 -11.34
CA LYS B 286 26.08 7.67 -10.19
C LYS B 286 27.51 8.14 -10.45
N ASP B 287 28.21 7.51 -11.38
CA ASP B 287 29.58 7.97 -11.73
C ASP B 287 29.71 9.35 -12.35
N ILE B 288 28.63 9.95 -12.85
CA ILE B 288 28.73 11.27 -13.45
C ILE B 288 27.93 12.32 -12.68
N LEU B 289 27.64 12.03 -11.41
CA LEU B 289 26.90 12.92 -10.54
C LEU B 289 27.55 14.27 -10.37
N LYS B 290 28.84 14.28 -10.08
CA LYS B 290 29.56 15.53 -9.85
C LYS B 290 29.57 16.43 -11.09
N PHE B 291 29.62 15.84 -12.27
CA PHE B 291 29.63 16.60 -13.52
C PHE B 291 28.28 17.30 -13.70
N HIS B 292 27.21 16.58 -13.37
CA HIS B 292 25.83 17.08 -13.53
C HIS B 292 25.33 17.95 -12.39
N ALA B 293 25.80 17.69 -11.17
CA ALA B 293 25.31 18.41 -9.98
C ALA B 293 26.22 19.54 -9.52
N ILE B 294 27.45 19.60 -10.03
CA ILE B 294 28.43 20.65 -9.67
C ILE B 294 28.84 21.45 -10.92
N TYR B 295 29.47 20.80 -11.90
CA TYR B 295 29.99 21.53 -13.06
C TYR B 295 28.90 22.19 -13.90
N TRP B 296 27.92 21.38 -14.28
CA TRP B 296 26.82 21.81 -15.15
C TRP B 296 26.07 23.02 -14.57
N PRO B 297 25.58 22.94 -13.33
CA PRO B 297 24.91 24.12 -12.80
C PRO B 297 25.81 25.35 -12.66
N ALA B 298 27.08 25.14 -12.35
CA ALA B 298 28.04 26.25 -12.31
C ALA B 298 28.13 26.92 -13.67
N PHE B 299 28.24 26.13 -14.76
CA PHE B 299 28.23 26.71 -16.11
C PHE B 299 26.94 27.50 -16.40
N LEU B 300 25.81 26.95 -15.96
CA LEU B 300 24.52 27.59 -16.16
C LEU B 300 24.37 28.89 -15.34
N LEU B 301 24.83 28.84 -14.10
CA LEU B 301 24.92 30.05 -13.26
C LEU B 301 25.80 31.14 -13.89
N SER B 302 26.98 30.75 -14.37
CA SER B 302 27.86 31.68 -15.07
C SER B 302 27.13 32.35 -16.22
N ALA B 303 26.45 31.54 -17.04
CA ALA B 303 25.76 32.05 -18.24
C ALA B 303 24.43 32.76 -17.99
N GLY B 304 23.92 32.71 -16.76
CA GLY B 304 22.61 33.28 -16.44
C GLY B 304 21.46 32.45 -16.98
N LEU B 305 21.66 31.14 -17.10
CA LEU B 305 20.64 30.21 -17.60
C LEU B 305 19.97 29.53 -16.43
N PRO B 306 18.71 29.09 -16.59
CA PRO B 306 18.04 28.41 -15.49
C PRO B 306 18.59 27.01 -15.24
N LEU B 307 18.46 26.57 -13.99
CA LEU B 307 19.03 25.32 -13.53
C LEU B 307 18.00 24.20 -13.65
N PRO B 308 18.45 22.96 -13.85
CA PRO B 308 17.52 21.85 -13.94
C PRO B 308 16.76 21.65 -12.63
N LYS B 309 15.59 21.03 -12.70
CA LYS B 309 14.76 20.81 -11.52
C LYS B 309 15.24 19.61 -10.73
N LYS B 310 15.53 18.51 -11.42
CA LYS B 310 15.96 17.26 -10.78
C LYS B 310 17.04 16.56 -11.55
N ILE B 311 18.01 16.03 -10.81
CA ILE B 311 18.99 15.10 -11.31
C ILE B 311 18.75 13.79 -10.57
N VAL B 312 18.45 12.72 -11.29
CA VAL B 312 18.29 11.41 -10.69
C VAL B 312 19.45 10.49 -11.10
N ALA B 313 20.15 9.96 -10.10
CA ALA B 313 21.36 9.19 -10.28
C ALA B 313 21.11 7.76 -9.82
N HIS B 314 21.19 6.82 -10.77
CA HIS B 314 20.92 5.40 -10.50
C HIS B 314 22.24 4.61 -10.30
N GLY B 315 22.14 3.28 -10.08
CA GLY B 315 23.29 2.37 -9.88
C GLY B 315 23.68 1.52 -11.09
N TRP B 316 24.63 0.59 -10.90
CA TRP B 316 24.99 -0.43 -11.93
C TRP B 316 24.22 -1.75 -11.82
N TRP B 317 24.41 -2.60 -12.83
CA TRP B 317 23.92 -3.97 -12.84
C TRP B 317 25.04 -5.02 -12.69
N THR B 318 24.81 -6.03 -11.85
CA THR B 318 25.56 -7.29 -11.88
C THR B 318 24.64 -8.32 -12.59
N LYS B 319 25.21 -9.46 -12.99
CA LYS B 319 24.42 -10.62 -13.43
C LYS B 319 24.91 -11.87 -12.71
N ASP B 320 23.98 -12.58 -12.05
CA ASP B 320 24.29 -13.75 -11.20
C ASP B 320 25.33 -13.38 -10.14
N ARG B 321 25.10 -12.23 -9.50
CA ARG B 321 25.97 -11.64 -8.47
C ARG B 321 27.46 -11.44 -8.81
N LYS B 322 27.82 -11.52 -10.11
CA LYS B 322 29.19 -11.32 -10.59
C LYS B 322 29.19 -10.13 -11.57
N LYS B 323 30.35 -9.50 -11.74
CA LYS B 323 30.50 -8.35 -12.64
C LYS B 323 30.24 -8.71 -14.11
N ILE B 324 29.59 -7.81 -14.84
CA ILE B 324 29.28 -8.02 -16.27
C ILE B 324 30.49 -7.60 -17.13
N SER B 325 31.05 -8.55 -17.88
CA SER B 325 32.07 -8.30 -18.91
C SER B 325 32.13 -9.50 -19.86
N LYS B 326 32.27 -9.25 -21.16
CA LYS B 326 32.32 -10.33 -22.17
C LYS B 326 33.64 -11.11 -22.05
N SER B 327 34.72 -10.45 -21.61
CA SER B 327 36.06 -11.06 -21.48
C SER B 327 36.25 -11.87 -20.19
N LEU B 328 35.59 -11.48 -19.10
CA LEU B 328 35.56 -12.29 -17.86
C LEU B 328 34.38 -13.29 -17.83
N GLY B 329 33.75 -13.55 -18.99
CA GLY B 329 32.81 -14.66 -19.17
C GLY B 329 31.44 -14.57 -18.52
N ASN B 330 30.89 -13.34 -18.42
CA ASN B 330 29.54 -13.11 -17.85
C ASN B 330 28.79 -11.98 -18.61
N VAL B 331 28.10 -12.37 -19.69
CA VAL B 331 27.40 -11.44 -20.57
C VAL B 331 25.96 -11.19 -20.07
N PHE B 332 25.46 -9.97 -20.31
CA PHE B 332 24.02 -9.62 -20.13
C PHE B 332 23.59 -8.76 -21.31
N ASP B 333 23.04 -9.43 -22.33
CA ASP B 333 22.55 -8.76 -23.54
C ASP B 333 21.04 -8.47 -23.38
N PRO B 334 20.67 -7.17 -23.24
CA PRO B 334 19.26 -6.84 -23.05
C PRO B 334 18.34 -7.31 -24.20
N VAL B 335 18.80 -7.19 -25.44
CA VAL B 335 17.99 -7.59 -26.60
C VAL B 335 17.77 -9.11 -26.63
N GLU B 336 18.80 -9.87 -26.25
CA GLU B 336 18.71 -11.33 -26.17
C GLU B 336 17.66 -11.73 -25.13
N LYS B 337 17.76 -11.17 -23.93
CA LYS B 337 16.79 -11.47 -22.85
C LYS B 337 15.37 -11.04 -23.21
N ALA B 338 15.24 -9.92 -23.93
CA ALA B 338 13.93 -9.44 -24.37
C ALA B 338 13.30 -10.37 -25.42
N GLU B 339 14.11 -10.88 -26.35
CA GLU B 339 13.64 -11.88 -27.33
C GLU B 339 13.23 -13.19 -26.62
N GLU B 340 13.90 -13.52 -25.53
CA GLU B 340 13.61 -14.73 -24.76
C GLU B 340 12.37 -14.58 -23.86
N PHE B 341 12.31 -13.50 -23.07
CA PHE B 341 11.26 -13.31 -22.05
C PHE B 341 10.16 -12.29 -22.39
N GLY B 342 10.36 -11.49 -23.43
CA GLY B 342 9.46 -10.36 -23.76
C GLY B 342 10.10 -9.00 -23.46
N TYR B 343 9.82 -8.01 -24.30
CA TYR B 343 10.36 -6.65 -24.14
C TYR B 343 9.78 -5.92 -22.92
N ASP B 344 8.46 -5.84 -22.83
CA ASP B 344 7.80 -5.21 -21.69
C ASP B 344 8.19 -5.89 -20.39
N ALA B 345 8.24 -7.21 -20.40
CA ALA B 345 8.61 -7.99 -19.21
C ALA B 345 10.01 -7.70 -18.71
N LEU B 346 10.98 -7.62 -19.64
CA LEU B 346 12.35 -7.25 -19.27
C LEU B 346 12.41 -5.83 -18.67
N LYS B 347 11.72 -4.90 -19.30
CA LYS B 347 11.66 -3.52 -18.82
C LYS B 347 11.06 -3.46 -17.42
N TYR B 348 9.94 -4.16 -17.24
CA TYR B 348 9.30 -4.30 -15.94
C TYR B 348 10.28 -4.80 -14.90
N PHE B 349 11.00 -5.85 -15.26
CA PHE B 349 11.98 -6.43 -14.35
C PHE B 349 13.10 -5.47 -13.96
N LEU B 350 13.71 -4.82 -14.95
CA LEU B 350 14.82 -3.90 -14.67
C LEU B 350 14.36 -2.76 -13.74
N LEU B 351 13.13 -2.29 -13.93
CA LEU B 351 12.58 -1.20 -13.13
C LEU B 351 12.05 -1.64 -11.75
N ARG B 352 11.54 -2.87 -11.65
CA ARG B 352 10.98 -3.39 -10.39
C ARG B 352 12.05 -3.94 -9.46
N GLU B 353 13.09 -4.56 -10.04
CA GLU B 353 14.09 -5.26 -9.22
C GLU B 353 14.96 -4.32 -8.37
N SER B 354 15.40 -3.22 -8.94
CA SER B 354 16.32 -2.30 -8.27
C SER B 354 15.68 -0.94 -8.06
N GLY B 355 15.92 -0.37 -6.89
CA GLY B 355 15.75 1.07 -6.72
C GLY B 355 16.98 1.79 -7.24
N PHE B 356 16.89 3.10 -7.34
CA PHE B 356 17.99 3.90 -7.88
C PHE B 356 19.18 3.97 -6.93
N SER B 357 18.90 3.83 -5.65
CA SER B 357 19.93 3.75 -4.60
C SER B 357 20.73 2.44 -4.56
N ASP B 358 20.36 1.43 -5.36
CA ASP B 358 20.98 0.11 -5.31
C ASP B 358 21.64 -0.25 -6.63
N ASP B 359 22.62 -1.14 -6.55
CA ASP B 359 23.06 -1.90 -7.71
C ASP B 359 22.11 -3.09 -7.90
N GLY B 360 21.31 -3.02 -8.95
CA GLY B 360 20.48 -4.14 -9.38
C GLY B 360 21.25 -5.41 -9.76
N ASP B 361 20.64 -6.57 -9.50
CA ASP B 361 21.15 -7.88 -9.92
C ASP B 361 20.15 -8.68 -10.77
N TYR B 362 20.51 -8.93 -12.03
CA TYR B 362 19.76 -9.84 -12.89
C TYR B 362 20.12 -11.33 -12.66
N SER B 363 19.11 -12.20 -12.59
CA SER B 363 19.26 -13.65 -12.91
C SER B 363 18.03 -14.14 -13.65
N ASP B 364 18.19 -15.20 -14.43
CA ASP B 364 17.05 -15.87 -15.08
C ASP B 364 16.03 -16.37 -14.07
N LYS B 365 16.50 -16.82 -12.90
CA LYS B 365 15.65 -17.30 -11.83
C LYS B 365 14.65 -16.24 -11.33
N ASN B 366 15.19 -15.07 -10.98
N ASN B 366 15.14 -15.06 -10.94
CA ASN B 366 14.39 -13.96 -10.44
CA ASN B 366 14.25 -14.00 -10.41
C ASN B 366 13.50 -13.31 -11.49
C ASN B 366 13.46 -13.28 -11.50
N MET B 367 14.01 -13.21 -12.72
CA MET B 367 13.23 -12.76 -13.87
C MET B 367 11.98 -13.60 -14.13
N ILE B 368 12.13 -14.92 -14.03
CA ILE B 368 11.02 -15.86 -14.17
C ILE B 368 10.05 -15.76 -12.98
N ALA B 369 10.59 -15.63 -11.78
CA ALA B 369 9.74 -15.49 -10.59
C ALA B 369 8.83 -14.26 -10.71
N ARG B 370 9.39 -13.13 -11.14
CA ARG B 370 8.63 -11.89 -11.31
C ARG B 370 7.69 -11.96 -12.51
N LEU B 371 8.16 -12.54 -13.62
CA LEU B 371 7.30 -12.78 -14.79
C LEU B 371 6.08 -13.63 -14.43
N ASN B 372 6.31 -14.76 -13.78
CA ASN B 372 5.24 -15.69 -13.40
C ASN B 372 4.35 -15.14 -12.28
N GLY B 373 4.98 -14.68 -11.20
CA GLY B 373 4.27 -14.23 -10.01
C GLY B 373 3.48 -12.94 -10.15
N GLU B 374 4.08 -11.94 -10.79
CA GLU B 374 3.49 -10.60 -10.83
C GLU B 374 2.81 -10.36 -12.16
N LEU B 375 3.52 -10.55 -13.26
CA LEU B 375 2.92 -10.27 -14.58
C LEU B 375 1.85 -11.26 -15.03
N ALA B 376 2.14 -12.55 -14.90
CA ALA B 376 1.20 -13.60 -15.29
C ALA B 376 0.09 -13.80 -14.25
N ASP B 377 0.46 -14.07 -13.01
CA ASP B 377 -0.49 -14.47 -11.97
C ASP B 377 -1.29 -13.31 -11.36
N THR B 378 -0.67 -12.14 -11.19
CA THR B 378 -1.35 -11.01 -10.59
C THR B 378 -2.07 -10.22 -11.67
N LEU B 379 -1.32 -9.71 -12.65
CA LEU B 379 -1.92 -8.83 -13.66
C LEU B 379 -2.71 -9.61 -14.72
N GLY B 380 -2.04 -10.55 -15.37
CA GLY B 380 -2.60 -11.25 -16.52
C GLY B 380 -3.81 -12.11 -16.22
N ASN B 381 -3.71 -12.90 -15.16
CA ASN B 381 -4.83 -13.68 -14.63
C ASN B 381 -6.08 -12.79 -14.41
N LEU B 382 -5.87 -11.64 -13.80
CA LEU B 382 -6.95 -10.70 -13.53
C LEU B 382 -7.57 -10.11 -14.78
N VAL B 383 -6.76 -9.86 -15.82
CA VAL B 383 -7.28 -9.35 -17.09
C VAL B 383 -8.17 -10.38 -17.76
N MET B 384 -7.73 -11.65 -17.72
CA MET B 384 -8.52 -12.75 -18.31
C MET B 384 -9.84 -12.99 -17.54
N ARG B 385 -9.78 -13.00 -16.20
CA ARG B 385 -10.99 -13.16 -15.35
C ARG B 385 -12.11 -12.18 -15.71
N CYS B 386 -11.81 -10.89 -15.76
CA CYS B 386 -12.86 -9.89 -15.96
C CYS B 386 -13.33 -9.75 -17.41
N THR B 387 -12.62 -10.36 -18.36
CA THR B 387 -13.00 -10.35 -19.77
C THR B 387 -13.46 -11.71 -20.33
N SER B 388 -13.39 -12.78 -19.53
CA SER B 388 -13.79 -14.11 -20.00
C SER B 388 -15.29 -14.20 -20.24
N ALA B 389 -15.67 -15.03 -21.21
CA ALA B 389 -17.08 -15.27 -21.56
C ALA B 389 -17.87 -15.93 -20.41
N LYS B 390 -17.20 -16.78 -19.63
CA LYS B 390 -17.80 -17.45 -18.46
C LYS B 390 -18.35 -16.46 -17.42
N ILE B 391 -17.61 -15.37 -17.16
CA ILE B 391 -17.94 -14.39 -16.10
C ILE B 391 -18.61 -13.13 -16.67
N ASN B 392 -18.01 -12.57 -17.70
CA ASN B 392 -18.55 -11.40 -18.41
C ASN B 392 -19.37 -11.91 -19.60
N VAL B 393 -20.58 -12.39 -19.33
CA VAL B 393 -21.38 -13.11 -20.33
C VAL B 393 -21.83 -12.20 -21.47
N ASN B 394 -22.13 -10.94 -21.18
CA ASN B 394 -22.51 -9.97 -22.23
C ASN B 394 -21.34 -9.30 -22.98
N GLY B 395 -20.09 -9.58 -22.59
CA GLY B 395 -18.91 -8.95 -23.20
C GLY B 395 -18.99 -7.43 -23.19
N GLU B 396 -19.30 -6.85 -22.03
CA GLU B 396 -19.40 -5.40 -21.88
C GLU B 396 -19.09 -4.94 -20.45
N TRP B 397 -18.94 -3.63 -20.28
CA TRP B 397 -18.84 -3.00 -18.98
C TRP B 397 -20.27 -2.87 -18.40
N PRO B 398 -20.56 -3.60 -17.32
CA PRO B 398 -21.92 -3.51 -16.78
C PRO B 398 -22.11 -2.26 -15.95
N SER B 399 -23.38 -2.00 -15.66
CA SER B 399 -23.77 -0.88 -14.82
C SER B 399 -23.81 -1.40 -13.39
N PRO B 400 -23.12 -0.74 -12.44
CA PRO B 400 -23.11 -1.29 -11.08
C PRO B 400 -24.42 -1.03 -10.33
N ALA B 401 -24.81 -1.98 -9.48
CA ALA B 401 -25.85 -1.76 -8.47
C ALA B 401 -25.17 -1.16 -7.24
N ALA B 402 -25.87 -1.15 -6.09
CA ALA B 402 -25.36 -0.44 -4.91
C ALA B 402 -24.08 -1.07 -4.37
N TYR B 403 -23.23 -0.22 -3.83
CA TYR B 403 -21.93 -0.62 -3.33
C TYR B 403 -22.01 -1.01 -1.86
N THR B 404 -21.43 -2.15 -1.50
CA THR B 404 -21.18 -2.51 -0.10
C THR B 404 -19.97 -1.74 0.46
N GLU B 405 -19.72 -1.84 1.76
CA GLU B 405 -18.51 -1.26 2.34
C GLU B 405 -17.23 -1.86 1.77
N GLU B 406 -17.27 -3.17 1.52
CA GLU B 406 -16.13 -3.86 0.94
C GLU B 406 -15.85 -3.36 -0.49
N ASP B 407 -16.89 -3.17 -1.29
CA ASP B 407 -16.78 -2.51 -2.57
C ASP B 407 -16.12 -1.13 -2.43
N GLU B 408 -16.61 -0.33 -1.50
CA GLU B 408 -16.09 1.00 -1.28
C GLU B 408 -14.61 0.99 -0.85
N SER B 409 -14.20 -0.02 -0.08
CA SER B 409 -12.79 -0.12 0.34
C SER B 409 -11.86 -0.30 -0.86
N LEU B 410 -12.27 -1.12 -1.83
CA LEU B 410 -11.48 -1.29 -3.05
C LEU B 410 -11.52 -0.05 -3.95
N ILE B 411 -12.71 0.49 -4.12
CA ILE B 411 -12.91 1.73 -4.87
C ILE B 411 -12.01 2.86 -4.35
N GLN B 412 -11.90 2.99 -3.04
CA GLN B 412 -11.04 4.00 -2.45
C GLN B 412 -9.56 3.79 -2.82
N LEU B 413 -9.12 2.53 -2.83
CA LEU B 413 -7.75 2.23 -3.25
C LEU B 413 -7.53 2.64 -4.71
N ILE B 414 -8.51 2.39 -5.56
CA ILE B 414 -8.42 2.70 -6.98
C ILE B 414 -8.40 4.21 -7.19
N LYS B 415 -9.23 4.94 -6.44
CA LYS B 415 -9.26 6.40 -6.54
C LYS B 415 -7.99 7.06 -6.02
N ASP B 416 -7.41 6.51 -4.96
CA ASP B 416 -6.20 7.09 -4.37
C ASP B 416 -4.97 6.81 -5.23
N LEU B 417 -5.00 5.74 -6.02
CA LEU B 417 -3.81 5.25 -6.70
C LEU B 417 -3.15 6.28 -7.64
N PRO B 418 -3.93 6.98 -8.48
CA PRO B 418 -3.27 7.95 -9.36
C PRO B 418 -2.45 9.02 -8.65
N GLY B 419 -2.97 9.56 -7.56
CA GLY B 419 -2.23 10.56 -6.79
C GLY B 419 -0.95 10.02 -6.17
N THR B 420 -1.01 8.80 -5.67
CA THR B 420 0.12 8.12 -5.07
C THR B 420 1.19 7.83 -6.12
N ALA B 421 0.79 7.16 -7.20
CA ALA B 421 1.68 6.84 -8.29
C ALA B 421 2.31 8.08 -8.93
N ASP B 422 1.52 9.15 -9.05
CA ASP B 422 1.98 10.41 -9.61
C ASP B 422 3.13 10.97 -8.80
N HIS B 423 2.99 11.02 -7.47
CA HIS B 423 4.08 11.49 -6.60
C HIS B 423 5.33 10.65 -6.78
N TYR B 424 5.17 9.34 -6.85
CA TYR B 424 6.32 8.46 -7.03
C TYR B 424 7.01 8.71 -8.37
N TYR B 425 6.23 8.86 -9.43
CA TYR B 425 6.80 9.09 -10.76
C TYR B 425 7.54 10.43 -10.80
N LEU B 426 7.08 11.41 -10.03
CA LEU B 426 7.71 12.73 -9.98
C LEU B 426 8.94 12.83 -9.12
N ILE B 427 9.18 11.87 -8.23
CA ILE B 427 10.38 11.90 -7.37
C ILE B 427 11.69 12.02 -8.17
N PRO B 428 11.96 11.19 -9.19
CA PRO B 428 11.20 10.02 -9.60
C PRO B 428 11.67 8.76 -8.90
N ASP B 429 10.74 7.83 -8.67
CA ASP B 429 11.06 6.54 -8.06
C ASP B 429 10.10 5.56 -8.70
N ILE B 430 10.56 4.98 -9.80
CA ILE B 430 9.74 4.15 -10.64
C ILE B 430 9.41 2.85 -9.93
N GLN B 431 10.36 2.34 -9.14
CA GLN B 431 10.15 1.11 -8.38
C GLN B 431 8.96 1.25 -7.45
N LYS B 432 8.87 2.35 -6.71
CA LYS B 432 7.75 2.58 -5.82
C LYS B 432 6.42 2.79 -6.56
N ALA B 433 6.47 3.42 -7.73
CA ALA B 433 5.28 3.60 -8.53
C ALA B 433 4.71 2.24 -8.92
N ILE B 434 5.60 1.33 -9.34
CA ILE B 434 5.20 0.00 -9.76
C ILE B 434 4.62 -0.76 -8.57
N ILE B 435 5.33 -0.71 -7.43
CA ILE B 435 4.91 -1.39 -6.23
C ILE B 435 3.51 -0.91 -5.81
N ALA B 436 3.26 0.40 -5.85
CA ALA B 436 1.95 0.93 -5.50
C ALA B 436 0.85 0.44 -6.43
N VAL B 437 1.12 0.35 -7.74
CA VAL B 437 0.11 -0.17 -8.65
C VAL B 437 -0.18 -1.65 -8.34
N PHE B 438 0.87 -2.44 -8.14
CA PHE B 438 0.70 -3.86 -7.84
C PHE B 438 0.06 -4.14 -6.49
N ASP B 439 0.24 -3.25 -5.52
CA ASP B 439 -0.52 -3.37 -4.26
C ASP B 439 -2.01 -3.32 -4.54
N VAL B 440 -2.42 -2.44 -5.47
CA VAL B 440 -3.82 -2.32 -5.83
C VAL B 440 -4.27 -3.52 -6.64
N LEU B 441 -3.40 -4.02 -7.51
CA LEU B 441 -3.74 -5.23 -8.26
C LEU B 441 -3.96 -6.42 -7.33
N ARG B 442 -3.09 -6.58 -6.33
CA ARG B 442 -3.26 -7.63 -5.33
C ARG B 442 -4.59 -7.48 -4.59
N ALA B 443 -4.92 -6.25 -4.18
CA ALA B 443 -6.21 -6.00 -3.52
C ALA B 443 -7.42 -6.31 -4.42
N ILE B 444 -7.32 -6.02 -5.71
CA ILE B 444 -8.39 -6.36 -6.65
C ILE B 444 -8.53 -7.87 -6.74
N ASN B 445 -7.41 -8.59 -6.83
CA ASN B 445 -7.42 -10.06 -6.83
C ASN B 445 -8.07 -10.64 -5.58
N ALA B 446 -7.76 -10.09 -4.41
CA ALA B 446 -8.32 -10.55 -3.14
C ALA B 446 -9.84 -10.33 -3.15
N TYR B 447 -10.26 -9.16 -3.61
CA TYR B 447 -11.67 -8.85 -3.76
C TYR B 447 -12.40 -9.83 -4.68
N VAL B 448 -11.80 -10.13 -5.84
CA VAL B 448 -12.39 -11.07 -6.77
C VAL B 448 -12.52 -12.46 -6.14
N THR B 449 -11.50 -12.89 -5.40
CA THR B 449 -11.55 -14.15 -4.68
C THR B 449 -12.65 -14.17 -3.61
N ASP B 450 -12.78 -13.11 -2.81
CA ASP B 450 -13.88 -12.99 -1.84
C ASP B 450 -15.24 -13.02 -2.51
N MET B 451 -15.40 -12.36 -3.66
CA MET B 451 -16.74 -12.21 -4.27
C MET B 451 -17.13 -13.38 -5.16
N ALA B 452 -16.18 -14.24 -5.51
CA ALA B 452 -16.40 -15.39 -6.38
C ALA B 452 -17.39 -15.12 -7.53
N PRO B 453 -17.02 -14.18 -8.44
CA PRO B 453 -17.96 -13.80 -9.51
C PRO B 453 -18.41 -14.96 -10.42
N TRP B 454 -17.58 -15.99 -10.54
CA TRP B 454 -17.93 -17.24 -11.24
C TRP B 454 -19.18 -17.93 -10.66
N LYS B 455 -19.34 -17.95 -9.35
CA LYS B 455 -20.58 -18.40 -8.71
C LYS B 455 -21.75 -17.43 -8.93
N LEU B 456 -21.46 -16.13 -8.90
CA LEU B 456 -22.47 -15.09 -9.02
C LEU B 456 -23.21 -15.04 -10.36
N VAL B 457 -22.66 -15.63 -11.43
CA VAL B 457 -23.37 -15.65 -12.73
C VAL B 457 -24.73 -16.36 -12.60
N LYS B 458 -24.74 -17.49 -11.88
CA LYS B 458 -25.97 -18.24 -11.61
C LYS B 458 -26.77 -17.62 -10.44
N THR B 459 -26.12 -17.38 -9.30
CA THR B 459 -26.81 -17.06 -8.04
C THR B 459 -27.35 -15.62 -7.90
N ASP B 460 -26.63 -14.62 -8.42
CA ASP B 460 -26.95 -13.20 -8.16
C ASP B 460 -26.40 -12.28 -9.27
N PRO B 461 -27.09 -12.23 -10.43
CA PRO B 461 -26.63 -11.39 -11.56
C PRO B 461 -26.53 -9.90 -11.24
N GLU B 462 -27.45 -9.38 -10.44
CA GLU B 462 -27.42 -7.97 -10.01
C GLU B 462 -26.10 -7.65 -9.27
N ARG B 463 -25.67 -8.55 -8.39
CA ARG B 463 -24.45 -8.37 -7.62
C ARG B 463 -23.21 -8.47 -8.49
N LEU B 464 -23.20 -9.42 -9.43
CA LEU B 464 -22.10 -9.58 -10.37
C LEU B 464 -21.80 -8.30 -11.16
N ARG B 465 -22.84 -7.61 -11.61
CA ARG B 465 -22.68 -6.33 -12.30
C ARG B 465 -21.78 -5.35 -11.50
N THR B 466 -22.02 -5.25 -10.20
CA THR B 466 -21.26 -4.38 -9.34
C THR B 466 -19.80 -4.86 -9.24
N VAL B 467 -19.62 -6.15 -9.00
CA VAL B 467 -18.29 -6.75 -8.81
C VAL B 467 -17.45 -6.63 -10.09
N LEU B 468 -18.08 -6.93 -11.22
CA LEU B 468 -17.42 -6.92 -12.50
C LEU B 468 -17.04 -5.50 -12.89
N TYR B 469 -17.95 -4.55 -12.67
CA TYR B 469 -17.67 -3.15 -12.96
C TYR B 469 -16.44 -2.63 -12.21
N ILE B 470 -16.39 -2.90 -10.90
CA ILE B 470 -15.29 -2.47 -10.05
C ILE B 470 -13.99 -3.14 -10.51
N THR B 471 -14.05 -4.41 -10.87
CA THR B 471 -12.87 -5.14 -11.31
C THR B 471 -12.32 -4.55 -12.62
N LEU B 472 -13.20 -4.36 -13.60
CA LEU B 472 -12.83 -3.77 -14.88
C LEU B 472 -12.19 -2.40 -14.68
N GLU B 473 -12.79 -1.60 -13.81
CA GLU B 473 -12.32 -0.24 -13.62
C GLU B 473 -10.97 -0.20 -12.89
N GLY B 474 -10.77 -1.13 -11.95
CA GLY B 474 -9.49 -1.27 -11.28
C GLY B 474 -8.40 -1.70 -12.24
N VAL B 475 -8.72 -2.63 -13.14
CA VAL B 475 -7.78 -3.07 -14.15
C VAL B 475 -7.42 -1.92 -15.09
N ARG B 476 -8.39 -1.09 -15.46
CA ARG B 476 -8.16 0.02 -16.36
C ARG B 476 -7.22 1.04 -15.74
N VAL B 477 -7.53 1.46 -14.51
CA VAL B 477 -6.74 2.48 -13.84
C VAL B 477 -5.32 1.98 -13.58
N THR B 478 -5.18 0.74 -13.10
CA THR B 478 -3.83 0.17 -12.88
C THR B 478 -3.05 0.07 -14.19
N THR B 479 -3.72 -0.37 -15.24
CA THR B 479 -3.10 -0.52 -16.53
C THR B 479 -2.64 0.82 -17.09
N LEU B 480 -3.49 1.84 -16.94
CA LEU B 480 -3.14 3.21 -17.34
C LEU B 480 -1.84 3.69 -16.66
N LEU B 481 -1.73 3.47 -15.37
CA LEU B 481 -0.54 3.90 -14.62
C LEU B 481 0.69 3.02 -14.86
N LEU B 482 0.49 1.79 -15.34
CA LEU B 482 1.59 0.91 -15.78
C LEU B 482 1.94 1.02 -17.25
N SER B 483 1.18 1.81 -18.02
CA SER B 483 1.43 1.92 -19.45
C SER B 483 2.83 2.47 -19.80
N PRO B 484 3.41 3.35 -18.96
CA PRO B 484 4.81 3.73 -19.22
C PRO B 484 5.84 2.60 -19.03
N ILE B 485 5.49 1.60 -18.23
CA ILE B 485 6.36 0.47 -17.92
C ILE B 485 6.15 -0.65 -18.92
N LEU B 486 4.88 -0.89 -19.30
CA LEU B 486 4.46 -1.99 -20.17
C LEU B 486 3.71 -1.39 -21.35
N PRO B 487 4.41 -0.63 -22.21
CA PRO B 487 3.69 0.14 -23.25
C PRO B 487 2.92 -0.68 -24.28
N ARG B 488 3.46 -1.83 -24.71
CA ARG B 488 2.79 -2.71 -25.66
C ARG B 488 1.69 -3.54 -25.02
N LYS B 489 2.00 -4.16 -23.88
CA LYS B 489 1.00 -4.94 -23.14
C LYS B 489 -0.20 -4.12 -22.68
N SER B 490 0.03 -2.85 -22.35
CA SER B 490 -1.07 -1.97 -21.94
C SER B 490 -2.07 -1.77 -23.08
N VAL B 491 -1.56 -1.68 -24.30
CA VAL B 491 -2.41 -1.55 -25.49
C VAL B 491 -3.26 -2.82 -25.66
N VAL B 492 -2.64 -3.99 -25.51
CA VAL B 492 -3.37 -5.26 -25.58
C VAL B 492 -4.49 -5.32 -24.52
N ILE B 493 -4.16 -4.95 -23.28
CA ILE B 493 -5.13 -4.98 -22.18
C ILE B 493 -6.28 -4.01 -22.49
N PHE B 494 -5.96 -2.79 -22.90
CA PHE B 494 -7.00 -1.81 -23.22
C PHE B 494 -7.91 -2.29 -24.38
N ASP B 495 -7.33 -2.97 -25.36
CA ASP B 495 -8.10 -3.55 -26.47
C ASP B 495 -9.04 -4.64 -25.97
N MET B 496 -8.52 -5.53 -25.14
CA MET B 496 -9.35 -6.56 -24.50
C MET B 496 -10.52 -5.97 -23.71
N LEU B 497 -10.24 -4.91 -22.96
CA LEU B 497 -11.27 -4.20 -22.19
C LEU B 497 -12.21 -3.31 -23.03
N GLY B 498 -11.84 -3.05 -24.28
CA GLY B 498 -12.61 -2.19 -25.17
C GLY B 498 -12.54 -0.70 -24.84
N VAL B 499 -11.43 -0.27 -24.25
CA VAL B 499 -11.31 1.13 -23.81
C VAL B 499 -11.05 1.98 -25.05
N PRO B 500 -11.95 2.94 -25.35
CA PRO B 500 -11.67 3.83 -26.49
C PRO B 500 -10.33 4.56 -26.34
N GLU B 501 -9.69 4.82 -27.48
CA GLU B 501 -8.38 5.51 -27.53
C GLU B 501 -8.33 6.80 -26.72
N VAL B 502 -9.37 7.61 -26.82
CA VAL B 502 -9.44 8.87 -26.10
C VAL B 502 -9.28 8.70 -24.58
N HIS B 503 -9.72 7.56 -24.04
CA HIS B 503 -9.58 7.27 -22.60
C HIS B 503 -8.24 6.65 -22.17
N ARG B 504 -7.30 6.45 -23.10
CA ARG B 504 -6.02 5.78 -22.81
C ARG B 504 -4.93 6.76 -22.41
N LYS B 505 -5.24 8.04 -22.37
CA LYS B 505 -4.31 9.03 -21.84
C LYS B 505 -5.08 10.24 -21.39
N GLY B 506 -4.39 11.16 -20.73
CA GLY B 506 -4.99 12.34 -20.15
C GLY B 506 -5.26 12.15 -18.67
N ILE B 507 -4.88 13.13 -17.88
CA ILE B 507 -5.12 13.15 -16.45
C ILE B 507 -6.61 13.01 -16.07
N GLU B 508 -7.48 13.52 -16.94
CA GLU B 508 -8.93 13.37 -16.78
C GLU B 508 -9.35 11.87 -16.68
N ASN B 509 -8.63 10.98 -17.37
CA ASN B 509 -8.90 9.52 -17.30
C ASN B 509 -8.23 8.73 -16.15
N PHE B 510 -7.50 9.41 -15.29
CA PHE B 510 -7.06 8.84 -14.02
C PHE B 510 -8.24 8.71 -13.05
N GLU B 511 -9.31 9.48 -13.25
CA GLU B 511 -10.50 9.43 -12.39
C GLU B 511 -11.31 8.13 -12.54
N PHE B 512 -11.79 7.64 -11.40
CA PHE B 512 -12.62 6.45 -11.33
C PHE B 512 -13.92 6.77 -12.07
N GLY B 513 -14.34 5.86 -12.94
CA GLY B 513 -15.59 6.00 -13.70
C GLY B 513 -15.52 6.63 -15.08
N ALA B 514 -14.33 6.76 -15.66
CA ALA B 514 -14.17 7.50 -16.93
C ALA B 514 -14.67 6.72 -18.15
N VAL B 515 -14.72 5.39 -18.05
CA VAL B 515 -15.28 4.53 -19.08
C VAL B 515 -16.72 4.12 -18.71
N PRO B 516 -17.72 4.55 -19.51
CA PRO B 516 -19.11 4.34 -19.11
C PRO B 516 -19.59 2.89 -19.25
N PRO B 517 -20.57 2.49 -18.42
CA PRO B 517 -21.27 1.23 -18.64
C PRO B 517 -21.89 1.15 -20.03
N GLY B 518 -21.83 -0.04 -20.64
CA GLY B 518 -22.28 -0.23 -22.01
C GLY B 518 -21.15 -0.37 -23.02
N THR B 519 -19.96 0.12 -22.67
CA THR B 519 -18.77 -0.05 -23.51
C THR B 519 -18.54 -1.53 -23.79
N ARG B 520 -18.40 -1.88 -25.07
CA ARG B 520 -18.24 -3.29 -25.47
C ARG B 520 -16.77 -3.67 -25.32
N LEU B 521 -16.51 -4.89 -24.84
CA LEU B 521 -15.15 -5.45 -24.84
C LEU B 521 -14.64 -5.63 -26.26
N GLY B 522 -13.34 -5.82 -26.40
CA GLY B 522 -12.75 -6.15 -27.69
C GLY B 522 -12.95 -7.63 -27.97
N PRO B 523 -12.74 -8.05 -29.22
CA PRO B 523 -12.89 -9.49 -29.52
C PRO B 523 -11.84 -10.36 -28.83
N ALA B 524 -12.17 -11.63 -28.62
CA ALA B 524 -11.21 -12.61 -28.07
C ALA B 524 -10.52 -13.36 -29.21
N VAL B 525 -9.30 -13.85 -28.95
CA VAL B 525 -8.56 -14.71 -29.90
C VAL B 525 -8.46 -16.11 -29.29
N GLU B 526 -8.73 -17.14 -30.10
CA GLU B 526 -8.87 -18.53 -29.63
C GLU B 526 -7.59 -19.10 -28.98
N GLY B 527 -7.49 -18.97 -27.66
CA GLY B 527 -6.39 -19.55 -26.86
C GLY B 527 -5.24 -18.61 -26.52
N GLU B 528 -5.48 -17.30 -26.58
CA GLU B 528 -4.43 -16.29 -26.43
C GLU B 528 -3.96 -16.06 -24.98
N VAL B 529 -2.74 -15.54 -24.86
CA VAL B 529 -2.10 -15.24 -23.57
C VAL B 529 -1.46 -13.87 -23.58
N LEU B 530 -1.48 -13.23 -22.43
CA LEU B 530 -0.94 -11.89 -22.24
C LEU B 530 0.51 -11.99 -21.82
N PHE B 531 0.78 -12.76 -20.78
CA PHE B 531 2.13 -13.19 -20.40
C PHE B 531 2.06 -14.70 -20.15
N SER B 532 2.88 -15.45 -20.89
CA SER B 532 2.94 -16.90 -20.71
C SER B 532 4.03 -17.24 -19.69
N LYS B 533 3.68 -18.09 -18.74
CA LYS B 533 4.60 -18.51 -17.69
C LYS B 533 5.76 -19.34 -18.25
N ARG B 534 6.86 -19.45 -17.50
CA ARG B 534 8.02 -20.27 -17.89
C ARG B 534 8.45 -21.18 -16.75
N SER B 535 9.16 -22.26 -17.09
CA SER B 535 9.55 -23.29 -16.12
C SER B 535 10.67 -22.82 -15.19
N THR B 536 10.56 -23.17 -13.90
CA THR B 536 11.49 -22.68 -12.86
C THR B 536 12.86 -23.35 -12.95
#